data_161D
# 
_entry.id   161D 
# 
_audit_conform.dict_name       mmcif_pdbx.dic 
_audit_conform.dict_version    5.385 
_audit_conform.dict_location   http://mmcif.pdb.org/dictionaries/ascii/mmcif_pdbx.dic 
# 
loop_
_database_2.database_id 
_database_2.database_code 
_database_2.pdbx_database_accession 
_database_2.pdbx_DOI 
PDB   161D         pdb_0000161d 10.2210/pdb161d/pdb 
RCSB  AHJ052       ?            ?                   
WWPDB D_1000170140 ?            ?                   
# 
loop_
_pdbx_audit_revision_history.ordinal 
_pdbx_audit_revision_history.data_content_type 
_pdbx_audit_revision_history.major_revision 
_pdbx_audit_revision_history.minor_revision 
_pdbx_audit_revision_history.revision_date 
1 'Structure model' 1 0 1994-05-18 
2 'Structure model' 1 1 2008-05-22 
3 'Structure model' 1 2 2011-07-13 
4 'Structure model' 1 3 2024-02-07 
# 
_pdbx_audit_revision_details.ordinal             1 
_pdbx_audit_revision_details.revision_ordinal    1 
_pdbx_audit_revision_details.data_content_type   'Structure model' 
_pdbx_audit_revision_details.provider            repository 
_pdbx_audit_revision_details.type                'Initial release' 
_pdbx_audit_revision_details.description         ? 
_pdbx_audit_revision_details.details             ? 
# 
loop_
_pdbx_audit_revision_group.ordinal 
_pdbx_audit_revision_group.revision_ordinal 
_pdbx_audit_revision_group.data_content_type 
_pdbx_audit_revision_group.group 
1 2 'Structure model' 'Version format compliance' 
2 3 'Structure model' 'Version format compliance' 
3 4 'Structure model' 'Data collection'           
4 4 'Structure model' 'Database references'       
# 
loop_
_pdbx_audit_revision_category.ordinal 
_pdbx_audit_revision_category.revision_ordinal 
_pdbx_audit_revision_category.data_content_type 
_pdbx_audit_revision_category.category 
1 4 'Structure model' chem_comp_atom 
2 4 'Structure model' chem_comp_bond 
3 4 'Structure model' database_2     
# 
loop_
_pdbx_audit_revision_item.ordinal 
_pdbx_audit_revision_item.revision_ordinal 
_pdbx_audit_revision_item.data_content_type 
_pdbx_audit_revision_item.item 
1 4 'Structure model' '_database_2.pdbx_DOI'                
2 4 'Structure model' '_database_2.pdbx_database_accession' 
# 
_pdbx_database_status.status_code                     REL 
_pdbx_database_status.entry_id                        161D 
_pdbx_database_status.recvd_initial_deposition_date   1994-02-10 
_pdbx_database_status.deposit_site                    BNL 
_pdbx_database_status.process_site                    NDB 
_pdbx_database_status.status_code_sf                  REL 
_pdbx_database_status.status_code_mr                  ? 
_pdbx_database_status.SG_entry                        ? 
_pdbx_database_status.pdb_format_compatible           Y 
_pdbx_database_status.status_code_cs                  ? 
_pdbx_database_status.status_code_nmr_data            ? 
_pdbx_database_status.methods_development_category    ? 
# 
loop_
_audit_author.name 
_audit_author.pdbx_ordinal 
'Ban, C.'           1 
'Ramakrishnan, B.'  2 
'Sundaralingam, M.' 3 
# 
_citation.id                        primary 
_citation.title                     
;A single 2'-hydroxyl group converts B-DNA to A-DNA. Crystal structure of the DNA-RNA chimeric decamer duplex d(CCGGC)r(G)d(CCGG) with a novel intermolecular G-C base-paired quadruplet.
;
_citation.journal_abbrev            J.Mol.Biol. 
_citation.journal_volume            236 
_citation.page_first                275 
_citation.page_last                 285 
_citation.year                      1994 
_citation.journal_id_ASTM           JMOBAK 
_citation.country                   UK 
_citation.journal_id_ISSN           0022-2836 
_citation.journal_id_CSD            0070 
_citation.book_publisher            ? 
_citation.pdbx_database_id_PubMed   7508984 
_citation.pdbx_database_id_DOI      10.1006/jmbi.1994.1134 
# 
loop_
_citation_author.citation_id 
_citation_author.name 
_citation_author.ordinal 
_citation_author.identifier_ORCID 
primary 'Ban, C.'           1 ? 
primary 'Ramakrishnan, B.'  2 ? 
primary 'Sundaralingam, M.' 3 ? 
# 
loop_
_entity.id 
_entity.type 
_entity.src_method 
_entity.pdbx_description 
_entity.formula_weight 
_entity.pdbx_number_of_molecules 
_entity.pdbx_ec 
_entity.pdbx_mutation 
_entity.pdbx_fragment 
_entity.details 
1 polymer syn 
;DNA/RNA (5'-D(*CP*CP*GP*GP*CP*)-R(*GP*)-D(*CP*CP*GP*G)-3')
;
3062.980 2  ? ? ? ? 
2 water   nat water                                                        18.015   61 ? ? ? ? 
# 
_entity_poly.entity_id                      1 
_entity_poly.type                           'polydeoxyribonucleotide/polyribonucleotide hybrid' 
_entity_poly.nstd_linkage                   no 
_entity_poly.nstd_monomer                   no 
_entity_poly.pdbx_seq_one_letter_code       '(DC)(DC)(DG)(DG)(DC)G(DC)(DC)(DG)(DG)' 
_entity_poly.pdbx_seq_one_letter_code_can   CCGGCGCCGG 
_entity_poly.pdbx_strand_id                 A,B 
_entity_poly.pdbx_target_identifier         ? 
# 
_pdbx_entity_nonpoly.entity_id   2 
_pdbx_entity_nonpoly.name        water 
_pdbx_entity_nonpoly.comp_id     HOH 
# 
loop_
_entity_poly_seq.entity_id 
_entity_poly_seq.num 
_entity_poly_seq.mon_id 
_entity_poly_seq.hetero 
1 1  DC n 
1 2  DC n 
1 3  DG n 
1 4  DG n 
1 5  DC n 
1 6  G  n 
1 7  DC n 
1 8  DC n 
1 9  DG n 
1 10 DG n 
# 
loop_
_chem_comp.id 
_chem_comp.type 
_chem_comp.mon_nstd_flag 
_chem_comp.name 
_chem_comp.pdbx_synonyms 
_chem_comp.formula 
_chem_comp.formula_weight 
DC  'DNA linking' y "2'-DEOXYCYTIDINE-5'-MONOPHOSPHATE"  ? 'C9 H14 N3 O7 P'  307.197 
DG  'DNA linking' y "2'-DEOXYGUANOSINE-5'-MONOPHOSPHATE" ? 'C10 H14 N5 O7 P' 347.221 
G   'RNA linking' y "GUANOSINE-5'-MONOPHOSPHATE"         ? 'C10 H14 N5 O8 P' 363.221 
HOH non-polymer   . WATER                                ? 'H2 O'            18.015  
# 
loop_
_pdbx_poly_seq_scheme.asym_id 
_pdbx_poly_seq_scheme.entity_id 
_pdbx_poly_seq_scheme.seq_id 
_pdbx_poly_seq_scheme.mon_id 
_pdbx_poly_seq_scheme.ndb_seq_num 
_pdbx_poly_seq_scheme.pdb_seq_num 
_pdbx_poly_seq_scheme.auth_seq_num 
_pdbx_poly_seq_scheme.pdb_mon_id 
_pdbx_poly_seq_scheme.auth_mon_id 
_pdbx_poly_seq_scheme.pdb_strand_id 
_pdbx_poly_seq_scheme.pdb_ins_code 
_pdbx_poly_seq_scheme.hetero 
A 1 1  DC 1  1  1  DC C A . n 
A 1 2  DC 2  2  2  DC C A . n 
A 1 3  DG 3  3  3  DG G A . n 
A 1 4  DG 4  4  4  DG G A . n 
A 1 5  DC 5  5  5  DC C A . n 
A 1 6  G  6  6  6  G  G A . n 
A 1 7  DC 7  7  7  DC C A . n 
A 1 8  DC 8  8  8  DC C A . n 
A 1 9  DG 9  9  9  DG G A . n 
A 1 10 DG 10 10 10 DG G A . n 
B 1 1  DC 1  11 11 DC C B . n 
B 1 2  DC 2  12 12 DC C B . n 
B 1 3  DG 3  13 13 DG G B . n 
B 1 4  DG 4  14 14 DG G B . n 
B 1 5  DC 5  15 15 DC C B . n 
B 1 6  G  6  16 16 G  G B . n 
B 1 7  DC 7  17 17 DC C B . n 
B 1 8  DC 8  18 18 DC C B . n 
B 1 9  DG 9  19 19 DG G B . n 
B 1 10 DG 10 20 20 DG G B . n 
# 
loop_
_pdbx_nonpoly_scheme.asym_id 
_pdbx_nonpoly_scheme.entity_id 
_pdbx_nonpoly_scheme.mon_id 
_pdbx_nonpoly_scheme.ndb_seq_num 
_pdbx_nonpoly_scheme.pdb_seq_num 
_pdbx_nonpoly_scheme.auth_seq_num 
_pdbx_nonpoly_scheme.pdb_mon_id 
_pdbx_nonpoly_scheme.auth_mon_id 
_pdbx_nonpoly_scheme.pdb_strand_id 
_pdbx_nonpoly_scheme.pdb_ins_code 
C 2 HOH 1  21 21 HOH HOH A . 
C 2 HOH 2  22 22 HOH HOH A . 
C 2 HOH 3  23 23 HOH HOH A . 
C 2 HOH 4  24 24 HOH HOH A . 
C 2 HOH 5  26 26 HOH HOH A . 
C 2 HOH 6  27 27 HOH HOH A . 
C 2 HOH 7  30 30 HOH HOH A . 
C 2 HOH 8  31 31 HOH HOH A . 
C 2 HOH 9  33 33 HOH HOH A . 
C 2 HOH 10 35 35 HOH HOH A . 
C 2 HOH 11 36 36 HOH HOH A . 
C 2 HOH 12 37 37 HOH HOH A . 
C 2 HOH 13 38 38 HOH HOH A . 
C 2 HOH 14 39 39 HOH HOH A . 
C 2 HOH 15 41 41 HOH HOH A . 
C 2 HOH 16 44 44 HOH HOH A . 
C 2 HOH 17 47 47 HOH HOH A . 
C 2 HOH 18 48 48 HOH HOH A . 
C 2 HOH 19 49 49 HOH HOH A . 
C 2 HOH 20 50 50 HOH HOH A . 
C 2 HOH 21 51 51 HOH HOH A . 
C 2 HOH 22 55 55 HOH HOH A . 
C 2 HOH 23 58 58 HOH HOH A . 
C 2 HOH 24 66 66 HOH HOH A . 
C 2 HOH 25 68 68 HOH HOH A . 
C 2 HOH 26 75 75 HOH HOH A . 
C 2 HOH 27 76 76 HOH HOH A . 
C 2 HOH 28 78 78 HOH HOH A . 
C 2 HOH 29 79 79 HOH HOH A . 
C 2 HOH 30 81 81 HOH HOH A . 
D 2 HOH 1  25 25 HOH HOH B . 
D 2 HOH 2  28 28 HOH HOH B . 
D 2 HOH 3  29 29 HOH HOH B . 
D 2 HOH 4  32 32 HOH HOH B . 
D 2 HOH 5  34 34 HOH HOH B . 
D 2 HOH 6  40 40 HOH HOH B . 
D 2 HOH 7  42 42 HOH HOH B . 
D 2 HOH 8  43 43 HOH HOH B . 
D 2 HOH 9  45 45 HOH HOH B . 
D 2 HOH 10 46 46 HOH HOH B . 
D 2 HOH 11 52 52 HOH HOH B . 
D 2 HOH 12 53 53 HOH HOH B . 
D 2 HOH 13 54 54 HOH HOH B . 
D 2 HOH 14 56 56 HOH HOH B . 
D 2 HOH 15 57 57 HOH HOH B . 
D 2 HOH 16 59 59 HOH HOH B . 
D 2 HOH 17 60 60 HOH HOH B . 
D 2 HOH 18 61 61 HOH HOH B . 
D 2 HOH 19 62 62 HOH HOH B . 
D 2 HOH 20 63 63 HOH HOH B . 
D 2 HOH 21 64 64 HOH HOH B . 
D 2 HOH 22 65 65 HOH HOH B . 
D 2 HOH 23 67 67 HOH HOH B . 
D 2 HOH 24 69 69 HOH HOH B . 
D 2 HOH 25 70 70 HOH HOH B . 
D 2 HOH 26 71 71 HOH HOH B . 
D 2 HOH 27 72 72 HOH HOH B . 
D 2 HOH 28 73 73 HOH HOH B . 
D 2 HOH 29 74 74 HOH HOH B . 
D 2 HOH 30 77 77 HOH HOH B . 
D 2 HOH 31 80 80 HOH HOH B . 
# 
_software.name             X-PLOR 
_software.classification   refinement 
_software.version          . 
_software.citation_id      ? 
_software.pdbx_ordinal     1 
# 
_cell.entry_id           161D 
_cell.length_a           26.630 
_cell.length_b           45.240 
_cell.length_c           47.990 
_cell.angle_alpha        90.00 
_cell.angle_beta         90.00 
_cell.angle_gamma        90.00 
_cell.Z_PDB              8 
_cell.pdbx_unique_axis   ? 
# 
_symmetry.entry_id                         161D 
_symmetry.space_group_name_H-M             'P 21 21 21' 
_symmetry.pdbx_full_space_group_name_H-M   ? 
_symmetry.cell_setting                     ? 
_symmetry.Int_Tables_number                19 
# 
_exptl.entry_id          161D 
_exptl.method            'X-RAY DIFFRACTION' 
_exptl.crystals_number   ? 
# 
_exptl_crystal.id                    1 
_exptl_crystal.density_meas          ? 
_exptl_crystal.density_Matthews      2.36 
_exptl_crystal.density_percent_sol   47.87 
_exptl_crystal.description           ? 
# 
_exptl_crystal_grow.crystal_id      1 
_exptl_crystal_grow.method          'VAPOR DIFFUSION, HANGING DROP' 
_exptl_crystal_grow.temp            ? 
_exptl_crystal_grow.temp_details    ? 
_exptl_crystal_grow.pH              7.00 
_exptl_crystal_grow.pdbx_details    'pH 7.00, VAPOR DIFFUSION, HANGING DROP' 
_exptl_crystal_grow.pdbx_pH_range   ? 
# 
loop_
_exptl_crystal_grow_comp.crystal_id 
_exptl_crystal_grow_comp.id 
_exptl_crystal_grow_comp.sol_id 
_exptl_crystal_grow_comp.name 
_exptl_crystal_grow_comp.volume 
_exptl_crystal_grow_comp.conc 
_exptl_crystal_grow_comp.details 
1 1 1 WATER           ? ? ? 
1 2 1 'NA CACODYLATE' ? ? ? 
1 3 1 SPERMINE_HCL    ? ? ? 
1 4 2 WATER           ? ? ? 
1 5 2 MPD             ? ? ? 
# 
_diffrn.id                     1 
_diffrn.ambient_temp           ? 
_diffrn.ambient_temp_details   'ROOM TEMPERATURE' 
_diffrn.crystal_id             1 
# 
_diffrn_detector.diffrn_id              1 
_diffrn_detector.detector               'AREA DETECTOR' 
_diffrn_detector.type                   SIEMENS-NICOLET 
_diffrn_detector.pdbx_collection_date   ? 
_diffrn_detector.details                ? 
# 
_diffrn_radiation.diffrn_id                        1 
_diffrn_radiation.wavelength_id                    1 
_diffrn_radiation.pdbx_monochromatic_or_laue_m_l   ? 
_diffrn_radiation.monochromator                    ? 
_diffrn_radiation.pdbx_diffrn_protocol             ? 
_diffrn_radiation.pdbx_scattering_type             x-ray 
# 
_diffrn_radiation_wavelength.id           1 
_diffrn_radiation_wavelength.wavelength   . 
_diffrn_radiation_wavelength.wt           1.0 
# 
_diffrn_source.diffrn_id                   1 
_diffrn_source.source                      'ROTATING ANODE' 
_diffrn_source.type                        MACSCIENCE 
_diffrn_source.pdbx_synchrotron_site       ? 
_diffrn_source.pdbx_synchrotron_beamline   ? 
_diffrn_source.pdbx_wavelength             ? 
_diffrn_source.pdbx_wavelength_list        ? 
# 
_reflns.entry_id                     161D 
_reflns.observed_criterion_sigma_I   1.000 
_reflns.observed_criterion_sigma_F   ? 
_reflns.d_resolution_low             ? 
_reflns.d_resolution_high            1.900 
_reflns.number_obs                   2837 
_reflns.number_all                   8769 
_reflns.percent_possible_obs         ? 
_reflns.pdbx_Rmerge_I_obs            ? 
_reflns.pdbx_Rsym_value              ? 
_reflns.pdbx_netI_over_sigmaI        ? 
_reflns.B_iso_Wilson_estimate        ? 
_reflns.pdbx_redundancy              ? 
_reflns.pdbx_diffrn_id               1 
_reflns.pdbx_ordinal                 1 
# 
_refine.entry_id                                 161D 
_refine.ls_number_reflns_obs                     2753 
_refine.ls_number_reflns_all                     ? 
_refine.pdbx_ls_sigma_I                          ? 
_refine.pdbx_ls_sigma_F                          1.000 
_refine.pdbx_data_cutoff_high_absF               ? 
_refine.pdbx_data_cutoff_low_absF                ? 
_refine.pdbx_data_cutoff_high_rms_absF           ? 
_refine.ls_d_res_low                             8.000 
_refine.ls_d_res_high                            1.900 
_refine.ls_percent_reflns_obs                    ? 
_refine.ls_R_factor_obs                          0.1360000 
_refine.ls_R_factor_all                          ? 
_refine.ls_R_factor_R_work                       0.1360000 
_refine.ls_R_factor_R_free                       ? 
_refine.ls_R_factor_R_free_error                 ? 
_refine.ls_R_factor_R_free_error_details         ? 
_refine.ls_percent_reflns_R_free                 ? 
_refine.ls_number_reflns_R_free                  ? 
_refine.ls_number_parameters                     ? 
_refine.ls_number_restraints                     ? 
_refine.occupancy_min                            ? 
_refine.occupancy_max                            ? 
_refine.B_iso_mean                               ? 
_refine.aniso_B[1][1]                            ? 
_refine.aniso_B[2][2]                            ? 
_refine.aniso_B[3][3]                            ? 
_refine.aniso_B[1][2]                            ? 
_refine.aniso_B[1][3]                            ? 
_refine.aniso_B[2][3]                            ? 
_refine.solvent_model_details                    ? 
_refine.solvent_model_param_ksol                 ? 
_refine.solvent_model_param_bsol                 ? 
_refine.pdbx_ls_cross_valid_method               ? 
_refine.details                                  ? 
_refine.pdbx_starting_model                      ? 
_refine.pdbx_method_to_determine_struct          ? 
_refine.pdbx_isotropic_thermal_model             ? 
_refine.pdbx_stereochemistry_target_values       ? 
_refine.pdbx_stereochem_target_val_spec_case     ? 
_refine.pdbx_R_Free_selection_details            ? 
_refine.pdbx_overall_ESU_R                       ? 
_refine.pdbx_overall_ESU_R_Free                  ? 
_refine.overall_SU_ML                            ? 
_refine.overall_SU_B                             ? 
_refine.pdbx_refine_id                           'X-RAY DIFFRACTION' 
_refine.pdbx_diffrn_id                           1 
_refine.pdbx_TLS_residual_ADP_flag               ? 
_refine.correlation_coeff_Fo_to_Fc               ? 
_refine.correlation_coeff_Fo_to_Fc_free          ? 
_refine.pdbx_solvent_vdw_probe_radii             ? 
_refine.pdbx_solvent_ion_probe_radii             ? 
_refine.pdbx_solvent_shrinkage_radii             ? 
_refine.pdbx_overall_phase_error                 ? 
_refine.overall_SU_R_Cruickshank_DPI             ? 
_refine.pdbx_overall_SU_R_free_Cruickshank_DPI   ? 
_refine.pdbx_overall_SU_R_Blow_DPI               ? 
_refine.pdbx_overall_SU_R_free_Blow_DPI          ? 
# 
_refine_hist.pdbx_refine_id                   'X-RAY DIFFRACTION' 
_refine_hist.cycle_id                         LAST 
_refine_hist.pdbx_number_atoms_protein        0 
_refine_hist.pdbx_number_atoms_nucleic_acid   406 
_refine_hist.pdbx_number_atoms_ligand         0 
_refine_hist.number_atoms_solvent             61 
_refine_hist.number_atoms_total               467 
_refine_hist.d_res_high                       1.900 
_refine_hist.d_res_low                        8.000 
# 
_struct.entry_id                  161D 
_struct.title                     
;A SINGLE 2'-HYDROXYL GROUP CONVERTS B-DNA TO A-DNA: CRYSTAL STRUCTURE OF THE DNA-RNA CHIMERIC DECAMER DUPLEX D(CCGGC)R(G)D(CCGG) WITH A NOVEL INTERMOLECULAR G.C BASE-PAIRED QUADRUPLET
;
_struct.pdbx_model_details        ? 
_struct.pdbx_CASP_flag            ? 
_struct.pdbx_model_type_details   ? 
# 
_struct_keywords.entry_id        161D 
_struct_keywords.pdbx_keywords   'DNA-RNA HYBRID' 
_struct_keywords.text            'A-DNA/RNA, DOUBLE HELIX, DNA-RNA HYBRID' 
# 
loop_
_struct_asym.id 
_struct_asym.pdbx_blank_PDB_chainid_flag 
_struct_asym.pdbx_modified 
_struct_asym.entity_id 
_struct_asym.details 
A N N 1 ? 
B N N 1 ? 
C N N 2 ? 
D N N 2 ? 
# 
_struct_ref.id                         1 
_struct_ref.entity_id                  1 
_struct_ref.db_name                    PDB 
_struct_ref.db_code                    161D 
_struct_ref.pdbx_db_accession          161D 
_struct_ref.pdbx_db_isoform            ? 
_struct_ref.pdbx_seq_one_letter_code   ? 
_struct_ref.pdbx_align_begin           ? 
# 
loop_
_struct_ref_seq.align_id 
_struct_ref_seq.ref_id 
_struct_ref_seq.pdbx_PDB_id_code 
_struct_ref_seq.pdbx_strand_id 
_struct_ref_seq.seq_align_beg 
_struct_ref_seq.pdbx_seq_align_beg_ins_code 
_struct_ref_seq.seq_align_end 
_struct_ref_seq.pdbx_seq_align_end_ins_code 
_struct_ref_seq.pdbx_db_accession 
_struct_ref_seq.db_align_beg 
_struct_ref_seq.pdbx_db_align_beg_ins_code 
_struct_ref_seq.db_align_end 
_struct_ref_seq.pdbx_db_align_end_ins_code 
_struct_ref_seq.pdbx_auth_seq_align_beg 
_struct_ref_seq.pdbx_auth_seq_align_end 
1 1 161D A 1 ? 10 ? 161D 1  ? 10 ? 1  10 
2 1 161D B 1 ? 10 ? 161D 11 ? 20 ? 11 20 
# 
_pdbx_struct_assembly.id                   1 
_pdbx_struct_assembly.details              author_defined_assembly 
_pdbx_struct_assembly.method_details       ? 
_pdbx_struct_assembly.oligomeric_details   dimeric 
_pdbx_struct_assembly.oligomeric_count     2 
# 
_pdbx_struct_assembly_gen.assembly_id       1 
_pdbx_struct_assembly_gen.oper_expression   1 
_pdbx_struct_assembly_gen.asym_id_list      A,B,C,D 
# 
_pdbx_struct_oper_list.id                   1 
_pdbx_struct_oper_list.type                 'identity operation' 
_pdbx_struct_oper_list.name                 1_555 
_pdbx_struct_oper_list.symmetry_operation   x,y,z 
_pdbx_struct_oper_list.matrix[1][1]         1.0000000000 
_pdbx_struct_oper_list.matrix[1][2]         0.0000000000 
_pdbx_struct_oper_list.matrix[1][3]         0.0000000000 
_pdbx_struct_oper_list.vector[1]            0.0000000000 
_pdbx_struct_oper_list.matrix[2][1]         0.0000000000 
_pdbx_struct_oper_list.matrix[2][2]         1.0000000000 
_pdbx_struct_oper_list.matrix[2][3]         0.0000000000 
_pdbx_struct_oper_list.vector[2]            0.0000000000 
_pdbx_struct_oper_list.matrix[3][1]         0.0000000000 
_pdbx_struct_oper_list.matrix[3][2]         0.0000000000 
_pdbx_struct_oper_list.matrix[3][3]         1.0000000000 
_pdbx_struct_oper_list.vector[3]            0.0000000000 
# 
_struct_biol.id   1 
# 
loop_
_struct_conn.id 
_struct_conn.conn_type_id 
_struct_conn.pdbx_leaving_atom_flag 
_struct_conn.pdbx_PDB_id 
_struct_conn.ptnr1_label_asym_id 
_struct_conn.ptnr1_label_comp_id 
_struct_conn.ptnr1_label_seq_id 
_struct_conn.ptnr1_label_atom_id 
_struct_conn.pdbx_ptnr1_label_alt_id 
_struct_conn.pdbx_ptnr1_PDB_ins_code 
_struct_conn.pdbx_ptnr1_standard_comp_id 
_struct_conn.ptnr1_symmetry 
_struct_conn.ptnr2_label_asym_id 
_struct_conn.ptnr2_label_comp_id 
_struct_conn.ptnr2_label_seq_id 
_struct_conn.ptnr2_label_atom_id 
_struct_conn.pdbx_ptnr2_label_alt_id 
_struct_conn.pdbx_ptnr2_PDB_ins_code 
_struct_conn.ptnr1_auth_asym_id 
_struct_conn.ptnr1_auth_comp_id 
_struct_conn.ptnr1_auth_seq_id 
_struct_conn.ptnr2_auth_asym_id 
_struct_conn.ptnr2_auth_comp_id 
_struct_conn.ptnr2_auth_seq_id 
_struct_conn.ptnr2_symmetry 
_struct_conn.pdbx_ptnr3_label_atom_id 
_struct_conn.pdbx_ptnr3_label_seq_id 
_struct_conn.pdbx_ptnr3_label_comp_id 
_struct_conn.pdbx_ptnr3_label_asym_id 
_struct_conn.pdbx_ptnr3_label_alt_id 
_struct_conn.pdbx_ptnr3_PDB_ins_code 
_struct_conn.details 
_struct_conn.pdbx_dist_value 
_struct_conn.pdbx_value_order 
_struct_conn.pdbx_role 
hydrog1  hydrog ? ? A DC 1  N3 ? ? ? 1_555 B DG 10 N1 ? ? A DC 1  B DG 20 1_555 ? ? ? ? ? ? WATSON-CRICK ? ? ? 
hydrog2  hydrog ? ? A DC 1  N4 ? ? ? 1_555 B DG 10 O6 ? ? A DC 1  B DG 20 1_555 ? ? ? ? ? ? WATSON-CRICK ? ? ? 
hydrog3  hydrog ? ? A DC 1  O2 ? ? ? 1_555 B DG 10 N2 ? ? A DC 1  B DG 20 1_555 ? ? ? ? ? ? WATSON-CRICK ? ? ? 
hydrog4  hydrog ? ? A DC 2  N3 ? ? ? 1_555 B DG 9  N1 ? ? A DC 2  B DG 19 1_555 ? ? ? ? ? ? WATSON-CRICK ? ? ? 
hydrog5  hydrog ? ? A DC 2  N4 ? ? ? 1_555 B DG 9  O6 ? ? A DC 2  B DG 19 1_555 ? ? ? ? ? ? WATSON-CRICK ? ? ? 
hydrog6  hydrog ? ? A DC 2  O2 ? ? ? 1_555 B DG 9  N2 ? ? A DC 2  B DG 19 1_555 ? ? ? ? ? ? WATSON-CRICK ? ? ? 
hydrog7  hydrog ? ? A DG 3  N1 ? ? ? 1_555 B DC 8  N3 ? ? A DG 3  B DC 18 1_555 ? ? ? ? ? ? WATSON-CRICK ? ? ? 
hydrog8  hydrog ? ? A DG 3  N2 ? ? ? 1_555 B DC 8  O2 ? ? A DG 3  B DC 18 1_555 ? ? ? ? ? ? WATSON-CRICK ? ? ? 
hydrog9  hydrog ? ? A DG 3  O6 ? ? ? 1_555 B DC 8  N4 ? ? A DG 3  B DC 18 1_555 ? ? ? ? ? ? WATSON-CRICK ? ? ? 
hydrog10 hydrog ? ? A DG 4  N1 ? ? ? 1_555 B DC 7  N3 ? ? A DG 4  B DC 17 1_555 ? ? ? ? ? ? WATSON-CRICK ? ? ? 
hydrog11 hydrog ? ? A DG 4  N2 ? ? ? 1_555 B DC 7  O2 ? ? A DG 4  B DC 17 1_555 ? ? ? ? ? ? WATSON-CRICK ? ? ? 
hydrog12 hydrog ? ? A DG 4  O6 ? ? ? 1_555 B DC 7  N4 ? ? A DG 4  B DC 17 1_555 ? ? ? ? ? ? WATSON-CRICK ? ? ? 
hydrog13 hydrog ? ? A DC 5  N3 ? ? ? 1_555 B G  6  N1 ? ? A DC 5  B G  16 1_555 ? ? ? ? ? ? WATSON-CRICK ? ? ? 
hydrog14 hydrog ? ? A DC 5  N4 ? ? ? 1_555 B G  6  O6 ? ? A DC 5  B G  16 1_555 ? ? ? ? ? ? WATSON-CRICK ? ? ? 
hydrog15 hydrog ? ? A DC 5  O2 ? ? ? 1_555 B G  6  N2 ? ? A DC 5  B G  16 1_555 ? ? ? ? ? ? WATSON-CRICK ? ? ? 
hydrog16 hydrog ? ? A G  6  N1 ? ? ? 1_555 B DC 5  N3 ? ? A G  6  B DC 15 1_555 ? ? ? ? ? ? WATSON-CRICK ? ? ? 
hydrog17 hydrog ? ? A G  6  N2 ? ? ? 1_555 B DC 5  O2 ? ? A G  6  B DC 15 1_555 ? ? ? ? ? ? WATSON-CRICK ? ? ? 
hydrog18 hydrog ? ? A G  6  O6 ? ? ? 1_555 B DC 5  N4 ? ? A G  6  B DC 15 1_555 ? ? ? ? ? ? WATSON-CRICK ? ? ? 
hydrog19 hydrog ? ? A DC 7  N3 ? ? ? 1_555 B DG 4  N1 ? ? A DC 7  B DG 14 1_555 ? ? ? ? ? ? WATSON-CRICK ? ? ? 
hydrog20 hydrog ? ? A DC 7  N4 ? ? ? 1_555 B DG 4  O6 ? ? A DC 7  B DG 14 1_555 ? ? ? ? ? ? WATSON-CRICK ? ? ? 
hydrog21 hydrog ? ? A DC 7  O2 ? ? ? 1_555 B DG 4  N2 ? ? A DC 7  B DG 14 1_555 ? ? ? ? ? ? WATSON-CRICK ? ? ? 
hydrog22 hydrog ? ? A DC 8  N3 ? ? ? 1_555 B DG 3  N1 ? ? A DC 8  B DG 13 1_555 ? ? ? ? ? ? WATSON-CRICK ? ? ? 
hydrog23 hydrog ? ? A DC 8  N4 ? ? ? 1_555 B DG 3  O6 ? ? A DC 8  B DG 13 1_555 ? ? ? ? ? ? WATSON-CRICK ? ? ? 
hydrog24 hydrog ? ? A DC 8  O2 ? ? ? 1_555 B DG 3  N2 ? ? A DC 8  B DG 13 1_555 ? ? ? ? ? ? WATSON-CRICK ? ? ? 
hydrog25 hydrog ? ? A DG 9  N1 ? ? ? 1_555 B DC 2  N3 ? ? A DG 9  B DC 12 1_555 ? ? ? ? ? ? WATSON-CRICK ? ? ? 
hydrog26 hydrog ? ? A DG 9  N2 ? ? ? 1_555 B DC 2  O2 ? ? A DG 9  B DC 12 1_555 ? ? ? ? ? ? WATSON-CRICK ? ? ? 
hydrog27 hydrog ? ? A DG 9  O6 ? ? ? 1_555 B DC 2  N4 ? ? A DG 9  B DC 12 1_555 ? ? ? ? ? ? WATSON-CRICK ? ? ? 
hydrog28 hydrog ? ? A DG 10 N1 ? ? ? 1_555 B DC 1  N3 ? ? A DG 10 B DC 11 1_555 ? ? ? ? ? ? WATSON-CRICK ? ? ? 
hydrog29 hydrog ? ? A DG 10 N2 ? ? ? 1_555 B DC 1  O2 ? ? A DG 10 B DC 11 1_555 ? ? ? ? ? ? WATSON-CRICK ? ? ? 
hydrog30 hydrog ? ? A DG 10 O6 ? ? ? 1_555 B DC 1  N4 ? ? A DG 10 B DC 11 1_555 ? ? ? ? ? ? WATSON-CRICK ? ? ? 
# 
_struct_conn_type.id          hydrog 
_struct_conn_type.criteria    ? 
_struct_conn_type.reference   ? 
# 
loop_
_pdbx_validate_rmsd_bond.id 
_pdbx_validate_rmsd_bond.PDB_model_num 
_pdbx_validate_rmsd_bond.auth_atom_id_1 
_pdbx_validate_rmsd_bond.auth_asym_id_1 
_pdbx_validate_rmsd_bond.auth_comp_id_1 
_pdbx_validate_rmsd_bond.auth_seq_id_1 
_pdbx_validate_rmsd_bond.PDB_ins_code_1 
_pdbx_validate_rmsd_bond.label_alt_id_1 
_pdbx_validate_rmsd_bond.auth_atom_id_2 
_pdbx_validate_rmsd_bond.auth_asym_id_2 
_pdbx_validate_rmsd_bond.auth_comp_id_2 
_pdbx_validate_rmsd_bond.auth_seq_id_2 
_pdbx_validate_rmsd_bond.PDB_ins_code_2 
_pdbx_validate_rmsd_bond.label_alt_id_2 
_pdbx_validate_rmsd_bond.bond_value 
_pdbx_validate_rmsd_bond.bond_target_value 
_pdbx_validate_rmsd_bond.bond_deviation 
_pdbx_validate_rmsd_bond.bond_standard_deviation 
_pdbx_validate_rmsd_bond.linker_flag 
1 1 "C3'" A DC 7 ? ? "C2'" A DC 7 ? ? 1.466 1.516 -0.050 0.008 N 
2 1 P     A DC 8 ? ? "O5'" A DC 8 ? ? 1.661 1.593 0.068  0.010 N 
# 
loop_
_pdbx_validate_rmsd_angle.id 
_pdbx_validate_rmsd_angle.PDB_model_num 
_pdbx_validate_rmsd_angle.auth_atom_id_1 
_pdbx_validate_rmsd_angle.auth_asym_id_1 
_pdbx_validate_rmsd_angle.auth_comp_id_1 
_pdbx_validate_rmsd_angle.auth_seq_id_1 
_pdbx_validate_rmsd_angle.PDB_ins_code_1 
_pdbx_validate_rmsd_angle.label_alt_id_1 
_pdbx_validate_rmsd_angle.auth_atom_id_2 
_pdbx_validate_rmsd_angle.auth_asym_id_2 
_pdbx_validate_rmsd_angle.auth_comp_id_2 
_pdbx_validate_rmsd_angle.auth_seq_id_2 
_pdbx_validate_rmsd_angle.PDB_ins_code_2 
_pdbx_validate_rmsd_angle.label_alt_id_2 
_pdbx_validate_rmsd_angle.auth_atom_id_3 
_pdbx_validate_rmsd_angle.auth_asym_id_3 
_pdbx_validate_rmsd_angle.auth_comp_id_3 
_pdbx_validate_rmsd_angle.auth_seq_id_3 
_pdbx_validate_rmsd_angle.PDB_ins_code_3 
_pdbx_validate_rmsd_angle.label_alt_id_3 
_pdbx_validate_rmsd_angle.angle_value 
_pdbx_validate_rmsd_angle.angle_target_value 
_pdbx_validate_rmsd_angle.angle_deviation 
_pdbx_validate_rmsd_angle.angle_standard_deviation 
_pdbx_validate_rmsd_angle.linker_flag 
1  1 "O4'" A DC 1  ? ? "C1'" A DC 1  ? ? N1    A DC 1  ? ? 111.93 108.30 3.63   0.30 N 
2  1 C2    A DC 1  ? ? N3    A DC 1  ? ? C4    A DC 1  ? ? 123.13 119.90 3.23   0.50 N 
3  1 "O3'" A DC 1  ? ? P     A DC 2  ? ? "O5'" A DC 2  ? ? 116.36 104.00 12.36  1.90 Y 
4  1 "O4'" A DC 2  ? ? "C1'" A DC 2  ? ? N1    A DC 2  ? ? 112.66 108.30 4.36   0.30 N 
5  1 N1    A DC 2  ? ? C2    A DC 2  ? ? O2    A DC 2  ? ? 122.91 118.90 4.01   0.60 N 
6  1 N3    A DC 2  ? ? C2    A DC 2  ? ? O2    A DC 2  ? ? 117.53 121.90 -4.37  0.70 N 
7  1 "O3'" A DC 2  ? ? P     A DG 3  ? ? "O5'" A DG 3  ? ? 123.09 104.00 19.09  1.90 Y 
8  1 "C4'" A DG 3  ? ? "C3'" A DG 3  ? ? "C2'" A DG 3  ? ? 94.29  102.20 -7.91  0.70 N 
9  1 "O3'" A DG 4  ? ? P     A DC 5  ? ? OP2   A DC 5  ? ? 125.72 110.50 15.22  1.10 Y 
10 1 "O3'" A DG 4  ? ? P     A DC 5  ? ? OP1   A DC 5  ? ? 88.11  105.20 -17.09 2.20 Y 
11 1 "O4'" A DC 5  ? ? "C1'" A DC 5  ? ? N1    A DC 5  ? ? 110.92 108.30 2.62   0.30 N 
12 1 "O3'" A DC 5  ? ? P     A G  6  ? ? OP2   A G  6  ? ? 122.00 110.50 11.50  1.10 Y 
13 1 "O3'" A DC 5  ? ? P     A G  6  ? ? OP1   A G  6  ? ? 87.88  105.20 -17.32 2.20 Y 
14 1 "O4'" A DC 7  ? ? "C1'" A DC 7  ? ? N1    A DC 7  ? ? 113.90 108.30 5.60   0.30 N 
15 1 "O3'" A DC 7  ? ? P     A DC 8  ? ? OP2   A DC 8  ? ? 121.35 110.50 10.85  1.10 Y 
16 1 "C4'" A DC 8  ? ? "C3'" A DC 8  ? ? "C2'" A DC 8  ? ? 94.81  102.20 -7.39  0.70 N 
17 1 "O4'" A DC 8  ? ? "C1'" A DC 8  ? ? N1    A DC 8  ? ? 112.19 108.30 3.89   0.30 N 
18 1 "C4'" A DG 9  ? ? "C3'" A DG 9  ? ? "C2'" A DG 9  ? ? 97.07  102.20 -5.13  0.70 N 
19 1 "O4'" A DG 9  ? ? "C1'" A DG 9  ? ? N9    A DG 9  ? ? 111.51 108.30 3.21   0.30 N 
20 1 "O3'" A DG 9  ? ? P     A DG 10 ? ? OP2   A DG 10 ? ? 120.94 110.50 10.44  1.10 Y 
21 1 "O3'" A DG 9  ? ? P     A DG 10 ? ? OP1   A DG 10 ? ? 89.60  105.20 -15.60 2.20 Y 
22 1 "O4'" B DC 11 ? ? "C1'" B DC 11 ? ? N1    B DC 11 ? ? 110.51 108.30 2.21   0.30 N 
23 1 "O3'" B DC 11 ? ? P     B DC 12 ? ? OP2   B DC 12 ? ? 87.08  105.20 -18.12 2.20 Y 
24 1 "O3'" B DC 11 ? ? P     B DC 12 ? ? OP1   B DC 12 ? ? 121.51 110.50 11.01  1.10 Y 
25 1 "O4'" B DC 12 ? ? "C1'" B DC 12 ? ? N1    B DC 12 ? ? 111.28 108.30 2.98   0.30 N 
26 1 N1    B DC 12 ? ? C2    B DC 12 ? ? O2    B DC 12 ? ? 124.06 118.90 5.16   0.60 N 
27 1 N3    B DC 12 ? ? C2    B DC 12 ? ? O2    B DC 12 ? ? 117.43 121.90 -4.47  0.70 N 
28 1 "O4'" B DG 13 ? ? "C4'" B DG 13 ? ? "C3'" B DG 13 ? ? 101.61 104.50 -2.89  0.40 N 
29 1 "C4'" B DG 13 ? ? "C3'" B DG 13 ? ? "C2'" B DG 13 ? ? 95.66  102.20 -6.54  0.70 N 
30 1 "O4'" B DG 13 ? ? "C1'" B DG 13 ? ? N9    B DG 13 ? ? 112.69 108.30 4.39   0.30 N 
31 1 "O3'" B DG 13 ? ? P     B DG 14 ? ? OP1   B DG 14 ? ? 89.49  105.20 -15.71 2.20 Y 
32 1 "O4'" B DC 15 ? ? "C1'" B DC 15 ? ? N1    B DC 15 ? ? 112.95 108.30 4.65   0.30 N 
33 1 "O3'" B DC 15 ? ? P     B G  16 ? ? OP2   B G  16 ? ? 132.00 110.50 21.50  1.10 Y 
34 1 "O3'" B DC 15 ? ? P     B G  16 ? ? OP1   B G  16 ? ? 77.03  105.20 -28.17 2.20 Y 
35 1 "O3'" B G  16 ? ? P     B DC 17 ? ? OP2   B DC 17 ? ? 132.30 110.50 21.80  1.10 Y 
36 1 "O3'" B G  16 ? ? P     B DC 17 ? ? OP1   B DC 17 ? ? 83.76  105.20 -21.44 2.20 Y 
37 1 "O4'" B DC 17 ? ? "C1'" B DC 17 ? ? N1    B DC 17 ? ? 111.52 108.30 3.22   0.30 N 
38 1 "O3'" B DC 17 ? ? P     B DC 18 ? ? OP2   B DC 18 ? ? 118.60 110.50 8.10   1.10 Y 
39 1 "O3'" B DC 17 ? ? P     B DC 18 ? ? OP1   B DC 18 ? ? 91.34  105.20 -13.86 2.20 Y 
40 1 "C4'" B DC 18 ? ? "C3'" B DC 18 ? ? "C2'" B DC 18 ? ? 97.54  102.20 -4.66  0.70 N 
41 1 "O4'" B DC 18 ? ? "C1'" B DC 18 ? ? N1    B DC 18 ? ? 115.73 108.30 7.43   0.30 N 
42 1 "C4'" B DG 19 ? ? "C3'" B DG 19 ? ? "C2'" B DG 19 ? ? 96.71  102.20 -5.49  0.70 N 
43 1 "O4'" B DG 19 ? ? "C1'" B DG 19 ? ? N9    B DG 19 ? ? 110.98 108.30 2.68   0.30 N 
44 1 "O4'" B DG 20 ? ? "C1'" B DG 20 ? ? N9    B DG 20 ? ? 112.84 108.30 4.54   0.30 N 
# 
loop_
_pdbx_validate_planes.id 
_pdbx_validate_planes.PDB_model_num 
_pdbx_validate_planes.auth_comp_id 
_pdbx_validate_planes.auth_asym_id 
_pdbx_validate_planes.auth_seq_id 
_pdbx_validate_planes.PDB_ins_code 
_pdbx_validate_planes.label_alt_id 
_pdbx_validate_planes.rmsd 
_pdbx_validate_planes.type 
1 1 DG A 3  ? ? 0.081 'SIDE CHAIN' 
2 1 DG B 19 ? ? 0.065 'SIDE CHAIN' 
# 
loop_
_refine_B_iso.class 
_refine_B_iso.details 
_refine_B_iso.treatment 
_refine_B_iso.pdbx_refine_id 
'ALL ATOMS'  TR isotropic 'X-RAY DIFFRACTION' 
'ALL WATERS' TR isotropic 'X-RAY DIFFRACTION' 
# 
loop_
_refine_occupancy.class 
_refine_occupancy.treatment 
_refine_occupancy.pdbx_refine_id 
'ALL ATOMS'  fix 'X-RAY DIFFRACTION' 
'ALL WATERS' fix 'X-RAY DIFFRACTION' 
# 
loop_
_chem_comp_atom.comp_id 
_chem_comp_atom.atom_id 
_chem_comp_atom.type_symbol 
_chem_comp_atom.pdbx_aromatic_flag 
_chem_comp_atom.pdbx_stereo_config 
_chem_comp_atom.pdbx_ordinal 
DC  OP3    O N N 1   
DC  P      P N N 2   
DC  OP1    O N N 3   
DC  OP2    O N N 4   
DC  "O5'"  O N N 5   
DC  "C5'"  C N N 6   
DC  "C4'"  C N R 7   
DC  "O4'"  O N N 8   
DC  "C3'"  C N S 9   
DC  "O3'"  O N N 10  
DC  "C2'"  C N N 11  
DC  "C1'"  C N R 12  
DC  N1     N N N 13  
DC  C2     C N N 14  
DC  O2     O N N 15  
DC  N3     N N N 16  
DC  C4     C N N 17  
DC  N4     N N N 18  
DC  C5     C N N 19  
DC  C6     C N N 20  
DC  HOP3   H N N 21  
DC  HOP2   H N N 22  
DC  "H5'"  H N N 23  
DC  "H5''" H N N 24  
DC  "H4'"  H N N 25  
DC  "H3'"  H N N 26  
DC  "HO3'" H N N 27  
DC  "H2'"  H N N 28  
DC  "H2''" H N N 29  
DC  "H1'"  H N N 30  
DC  H41    H N N 31  
DC  H42    H N N 32  
DC  H5     H N N 33  
DC  H6     H N N 34  
DG  OP3    O N N 35  
DG  P      P N N 36  
DG  OP1    O N N 37  
DG  OP2    O N N 38  
DG  "O5'"  O N N 39  
DG  "C5'"  C N N 40  
DG  "C4'"  C N R 41  
DG  "O4'"  O N N 42  
DG  "C3'"  C N S 43  
DG  "O3'"  O N N 44  
DG  "C2'"  C N N 45  
DG  "C1'"  C N R 46  
DG  N9     N Y N 47  
DG  C8     C Y N 48  
DG  N7     N Y N 49  
DG  C5     C Y N 50  
DG  C6     C N N 51  
DG  O6     O N N 52  
DG  N1     N N N 53  
DG  C2     C N N 54  
DG  N2     N N N 55  
DG  N3     N N N 56  
DG  C4     C Y N 57  
DG  HOP3   H N N 58  
DG  HOP2   H N N 59  
DG  "H5'"  H N N 60  
DG  "H5''" H N N 61  
DG  "H4'"  H N N 62  
DG  "H3'"  H N N 63  
DG  "HO3'" H N N 64  
DG  "H2'"  H N N 65  
DG  "H2''" H N N 66  
DG  "H1'"  H N N 67  
DG  H8     H N N 68  
DG  H1     H N N 69  
DG  H21    H N N 70  
DG  H22    H N N 71  
G   OP3    O N N 72  
G   P      P N N 73  
G   OP1    O N N 74  
G   OP2    O N N 75  
G   "O5'"  O N N 76  
G   "C5'"  C N N 77  
G   "C4'"  C N R 78  
G   "O4'"  O N N 79  
G   "C3'"  C N S 80  
G   "O3'"  O N N 81  
G   "C2'"  C N R 82  
G   "O2'"  O N N 83  
G   "C1'"  C N R 84  
G   N9     N Y N 85  
G   C8     C Y N 86  
G   N7     N Y N 87  
G   C5     C Y N 88  
G   C6     C N N 89  
G   O6     O N N 90  
G   N1     N N N 91  
G   C2     C N N 92  
G   N2     N N N 93  
G   N3     N N N 94  
G   C4     C Y N 95  
G   HOP3   H N N 96  
G   HOP2   H N N 97  
G   "H5'"  H N N 98  
G   "H5''" H N N 99  
G   "H4'"  H N N 100 
G   "H3'"  H N N 101 
G   "HO3'" H N N 102 
G   "H2'"  H N N 103 
G   "HO2'" H N N 104 
G   "H1'"  H N N 105 
G   H8     H N N 106 
G   H1     H N N 107 
G   H21    H N N 108 
G   H22    H N N 109 
HOH O      O N N 110 
HOH H1     H N N 111 
HOH H2     H N N 112 
# 
loop_
_chem_comp_bond.comp_id 
_chem_comp_bond.atom_id_1 
_chem_comp_bond.atom_id_2 
_chem_comp_bond.value_order 
_chem_comp_bond.pdbx_aromatic_flag 
_chem_comp_bond.pdbx_stereo_config 
_chem_comp_bond.pdbx_ordinal 
DC  OP3   P      sing N N 1   
DC  OP3   HOP3   sing N N 2   
DC  P     OP1    doub N N 3   
DC  P     OP2    sing N N 4   
DC  P     "O5'"  sing N N 5   
DC  OP2   HOP2   sing N N 6   
DC  "O5'" "C5'"  sing N N 7   
DC  "C5'" "C4'"  sing N N 8   
DC  "C5'" "H5'"  sing N N 9   
DC  "C5'" "H5''" sing N N 10  
DC  "C4'" "O4'"  sing N N 11  
DC  "C4'" "C3'"  sing N N 12  
DC  "C4'" "H4'"  sing N N 13  
DC  "O4'" "C1'"  sing N N 14  
DC  "C3'" "O3'"  sing N N 15  
DC  "C3'" "C2'"  sing N N 16  
DC  "C3'" "H3'"  sing N N 17  
DC  "O3'" "HO3'" sing N N 18  
DC  "C2'" "C1'"  sing N N 19  
DC  "C2'" "H2'"  sing N N 20  
DC  "C2'" "H2''" sing N N 21  
DC  "C1'" N1     sing N N 22  
DC  "C1'" "H1'"  sing N N 23  
DC  N1    C2     sing N N 24  
DC  N1    C6     sing N N 25  
DC  C2    O2     doub N N 26  
DC  C2    N3     sing N N 27  
DC  N3    C4     doub N N 28  
DC  C4    N4     sing N N 29  
DC  C4    C5     sing N N 30  
DC  N4    H41    sing N N 31  
DC  N4    H42    sing N N 32  
DC  C5    C6     doub N N 33  
DC  C5    H5     sing N N 34  
DC  C6    H6     sing N N 35  
DG  OP3   P      sing N N 36  
DG  OP3   HOP3   sing N N 37  
DG  P     OP1    doub N N 38  
DG  P     OP2    sing N N 39  
DG  P     "O5'"  sing N N 40  
DG  OP2   HOP2   sing N N 41  
DG  "O5'" "C5'"  sing N N 42  
DG  "C5'" "C4'"  sing N N 43  
DG  "C5'" "H5'"  sing N N 44  
DG  "C5'" "H5''" sing N N 45  
DG  "C4'" "O4'"  sing N N 46  
DG  "C4'" "C3'"  sing N N 47  
DG  "C4'" "H4'"  sing N N 48  
DG  "O4'" "C1'"  sing N N 49  
DG  "C3'" "O3'"  sing N N 50  
DG  "C3'" "C2'"  sing N N 51  
DG  "C3'" "H3'"  sing N N 52  
DG  "O3'" "HO3'" sing N N 53  
DG  "C2'" "C1'"  sing N N 54  
DG  "C2'" "H2'"  sing N N 55  
DG  "C2'" "H2''" sing N N 56  
DG  "C1'" N9     sing N N 57  
DG  "C1'" "H1'"  sing N N 58  
DG  N9    C8     sing Y N 59  
DG  N9    C4     sing Y N 60  
DG  C8    N7     doub Y N 61  
DG  C8    H8     sing N N 62  
DG  N7    C5     sing Y N 63  
DG  C5    C6     sing N N 64  
DG  C5    C4     doub Y N 65  
DG  C6    O6     doub N N 66  
DG  C6    N1     sing N N 67  
DG  N1    C2     sing N N 68  
DG  N1    H1     sing N N 69  
DG  C2    N2     sing N N 70  
DG  C2    N3     doub N N 71  
DG  N2    H21    sing N N 72  
DG  N2    H22    sing N N 73  
DG  N3    C4     sing N N 74  
G   OP3   P      sing N N 75  
G   OP3   HOP3   sing N N 76  
G   P     OP1    doub N N 77  
G   P     OP2    sing N N 78  
G   P     "O5'"  sing N N 79  
G   OP2   HOP2   sing N N 80  
G   "O5'" "C5'"  sing N N 81  
G   "C5'" "C4'"  sing N N 82  
G   "C5'" "H5'"  sing N N 83  
G   "C5'" "H5''" sing N N 84  
G   "C4'" "O4'"  sing N N 85  
G   "C4'" "C3'"  sing N N 86  
G   "C4'" "H4'"  sing N N 87  
G   "O4'" "C1'"  sing N N 88  
G   "C3'" "O3'"  sing N N 89  
G   "C3'" "C2'"  sing N N 90  
G   "C3'" "H3'"  sing N N 91  
G   "O3'" "HO3'" sing N N 92  
G   "C2'" "O2'"  sing N N 93  
G   "C2'" "C1'"  sing N N 94  
G   "C2'" "H2'"  sing N N 95  
G   "O2'" "HO2'" sing N N 96  
G   "C1'" N9     sing N N 97  
G   "C1'" "H1'"  sing N N 98  
G   N9    C8     sing Y N 99  
G   N9    C4     sing Y N 100 
G   C8    N7     doub Y N 101 
G   C8    H8     sing N N 102 
G   N7    C5     sing Y N 103 
G   C5    C6     sing N N 104 
G   C5    C4     doub Y N 105 
G   C6    O6     doub N N 106 
G   C6    N1     sing N N 107 
G   N1    C2     sing N N 108 
G   N1    H1     sing N N 109 
G   C2    N2     sing N N 110 
G   C2    N3     doub N N 111 
G   N2    H21    sing N N 112 
G   N2    H22    sing N N 113 
G   N3    C4     sing N N 114 
HOH O     H1     sing N N 115 
HOH O     H2     sing N N 116 
# 
_ndb_struct_conf_na.entry_id   161D 
_ndb_struct_conf_na.feature    'a-form double helix' 
# 
loop_
_ndb_struct_na_base_pair.model_number 
_ndb_struct_na_base_pair.i_label_asym_id 
_ndb_struct_na_base_pair.i_label_comp_id 
_ndb_struct_na_base_pair.i_label_seq_id 
_ndb_struct_na_base_pair.i_symmetry 
_ndb_struct_na_base_pair.j_label_asym_id 
_ndb_struct_na_base_pair.j_label_comp_id 
_ndb_struct_na_base_pair.j_label_seq_id 
_ndb_struct_na_base_pair.j_symmetry 
_ndb_struct_na_base_pair.shear 
_ndb_struct_na_base_pair.stretch 
_ndb_struct_na_base_pair.stagger 
_ndb_struct_na_base_pair.buckle 
_ndb_struct_na_base_pair.propeller 
_ndb_struct_na_base_pair.opening 
_ndb_struct_na_base_pair.pair_number 
_ndb_struct_na_base_pair.pair_name 
_ndb_struct_na_base_pair.i_auth_asym_id 
_ndb_struct_na_base_pair.i_auth_seq_id 
_ndb_struct_na_base_pair.i_PDB_ins_code 
_ndb_struct_na_base_pair.j_auth_asym_id 
_ndb_struct_na_base_pair.j_auth_seq_id 
_ndb_struct_na_base_pair.j_PDB_ins_code 
_ndb_struct_na_base_pair.hbond_type_28 
_ndb_struct_na_base_pair.hbond_type_12 
1 A DC 1  1_555 B DG 10 1_555 0.410  -0.045 0.175  0.449  -6.738  -2.541 1  A_DC1:DG20_B  A 1  ? B 20 ? 19 1 
1 A DC 2  1_555 B DG 9  1_555 0.041  -0.047 -0.125 8.090  -10.335 1.040  2  A_DC2:DG19_B  A 2  ? B 19 ? 19 1 
1 A DG 3  1_555 B DC 8  1_555 -0.149 -0.169 0.072  -4.990 -11.364 0.561  3  A_DG3:DC18_B  A 3  ? B 18 ? 19 1 
1 A DG 4  1_555 B DC 7  1_555 -0.382 -0.234 -0.202 -8.077 -11.626 -3.747 4  A_DG4:DC17_B  A 4  ? B 17 ? 19 1 
1 A DC 5  1_555 B G  6  1_555 0.446  -0.123 -0.065 -2.196 -11.490 2.482  5  A_DC5:G16_B   A 5  ? B 16 ? 19 1 
1 A G  6  1_555 B DC 5  1_555 0.022  -0.147 -0.212 -3.933 -13.506 -3.519 6  A_G6:DC15_B   A 6  ? B 15 ? 19 1 
1 A DC 7  1_555 B DG 4  1_555 0.317  0.119  -0.015 3.721  -5.941  2.750  7  A_DC7:DG14_B  A 7  ? B 14 ? 19 1 
1 A DC 8  1_555 B DG 3  1_555 0.386  -0.248 -0.090 1.243  -7.385  -0.406 8  A_DC8:DG13_B  A 8  ? B 13 ? 19 1 
1 A DG 9  1_555 B DC 2  1_555 -0.540 -0.018 -0.170 -9.823 -8.985  2.372  9  A_DG9:DC12_B  A 9  ? B 12 ? 19 1 
1 A DG 10 1_555 B DC 1  1_555 0.342  -0.106 0.131  5.107  4.386   -1.088 10 A_DG10:DC11_B A 10 ? B 11 ? 19 1 
# 
loop_
_ndb_struct_na_base_pair_step.model_number 
_ndb_struct_na_base_pair_step.i_label_asym_id_1 
_ndb_struct_na_base_pair_step.i_label_comp_id_1 
_ndb_struct_na_base_pair_step.i_label_seq_id_1 
_ndb_struct_na_base_pair_step.i_symmetry_1 
_ndb_struct_na_base_pair_step.j_label_asym_id_1 
_ndb_struct_na_base_pair_step.j_label_comp_id_1 
_ndb_struct_na_base_pair_step.j_label_seq_id_1 
_ndb_struct_na_base_pair_step.j_symmetry_1 
_ndb_struct_na_base_pair_step.i_label_asym_id_2 
_ndb_struct_na_base_pair_step.i_label_comp_id_2 
_ndb_struct_na_base_pair_step.i_label_seq_id_2 
_ndb_struct_na_base_pair_step.i_symmetry_2 
_ndb_struct_na_base_pair_step.j_label_asym_id_2 
_ndb_struct_na_base_pair_step.j_label_comp_id_2 
_ndb_struct_na_base_pair_step.j_label_seq_id_2 
_ndb_struct_na_base_pair_step.j_symmetry_2 
_ndb_struct_na_base_pair_step.shift 
_ndb_struct_na_base_pair_step.slide 
_ndb_struct_na_base_pair_step.rise 
_ndb_struct_na_base_pair_step.tilt 
_ndb_struct_na_base_pair_step.roll 
_ndb_struct_na_base_pair_step.twist 
_ndb_struct_na_base_pair_step.x_displacement 
_ndb_struct_na_base_pair_step.y_displacement 
_ndb_struct_na_base_pair_step.helical_rise 
_ndb_struct_na_base_pair_step.inclination 
_ndb_struct_na_base_pair_step.tip 
_ndb_struct_na_base_pair_step.helical_twist 
_ndb_struct_na_base_pair_step.step_number 
_ndb_struct_na_base_pair_step.step_name 
_ndb_struct_na_base_pair_step.i_auth_asym_id_1 
_ndb_struct_na_base_pair_step.i_auth_seq_id_1 
_ndb_struct_na_base_pair_step.i_PDB_ins_code_1 
_ndb_struct_na_base_pair_step.j_auth_asym_id_1 
_ndb_struct_na_base_pair_step.j_auth_seq_id_1 
_ndb_struct_na_base_pair_step.j_PDB_ins_code_1 
_ndb_struct_na_base_pair_step.i_auth_asym_id_2 
_ndb_struct_na_base_pair_step.i_auth_seq_id_2 
_ndb_struct_na_base_pair_step.i_PDB_ins_code_2 
_ndb_struct_na_base_pair_step.j_auth_asym_id_2 
_ndb_struct_na_base_pair_step.j_auth_seq_id_2 
_ndb_struct_na_base_pair_step.j_PDB_ins_code_2 
1 A DC 1 1_555 B DG 10 1_555 A DC 2  1_555 B DG 9 1_555 0.690  -1.876 3.195 2.104  1.172  32.067 -3.591 -0.879 3.164 2.118  -3.802 
32.155 1 AA_DC1DC2:DG19DG20_BB  A 1 ? B 20 ? A 2  ? B 19 ? 
1 A DC 2 1_555 B DG 9  1_555 A DG 3  1_555 B DC 8 1_555 -0.152 -2.115 3.699 -2.499 8.568  29.012 -5.843 -0.234 2.970 16.613 4.846  
30.325 2 AA_DC2DG3:DC18DG19_BB  A 2 ? B 19 ? A 3  ? B 18 ? 
1 A DG 3 1_555 B DC 8  1_555 A DG 4  1_555 B DC 7 1_555 -1.521 -1.641 3.406 -2.103 6.190  32.626 -3.911 2.302  3.139 10.883 3.697  
33.258 3 AA_DG3DG4:DC17DC18_BB  A 3 ? B 18 ? A 4  ? B 17 ? 
1 A DG 4 1_555 B DC 7  1_555 A DC 5  1_555 B G  6 1_555 1.088  -1.516 3.327 1.858  9.710  29.722 -4.567 -1.682 2.768 18.303 -3.502 
31.288 4 AA_DG4DC5:G16DC17_BB   A 4 ? B 17 ? A 5  ? B 16 ? 
1 A DC 5 1_555 B G  6  1_555 A G  6  1_555 B DC 5 1_555 -0.707 -1.587 3.438 0.158  17.362 29.670 -5.226 1.222  2.199 30.809 -0.281 
34.278 5 AA_DC5G6:DC15G16_BB    A 5 ? B 16 ? A 6  ? B 15 ? 
1 A G  6 1_555 B DC 5  1_555 A DC 7  1_555 B DG 4 1_555 0.904  -1.356 3.233 -1.764 5.270  29.627 -3.624 -2.079 2.896 10.194 3.413  
30.133 6 AA_G6DC7:DG14DC15_BB   A 6 ? B 15 ? A 7  ? B 14 ? 
1 A DC 7 1_555 B DG 4  1_555 A DC 8  1_555 B DG 3 1_555 -0.051 -2.142 3.492 0.835  3.590  28.560 -5.133 0.295  3.201 7.239  -1.684 
28.792 7 AA_DC7DC8:DG13DG14_BB  A 7 ? B 14 ? A 8  ? B 13 ? 
1 A DC 8 1_555 B DG 3  1_555 A DG 9  1_555 B DC 2 1_555 -0.069 -2.166 3.738 1.017  7.265  26.281 -6.509 0.415  3.035 15.595 -2.184 
27.269 8 AA_DC8DG9:DC12DG13_BB  A 8 ? B 13 ? A 9  ? B 12 ? 
1 A DG 9 1_555 B DC 2  1_555 A DG 10 1_555 B DC 1 1_555 -0.085 -1.925 3.059 1.220  1.059  34.227 -3.421 0.322  2.995 1.798  -2.071 
34.264 9 AA_DG9DG10:DC11DC12_BB A 9 ? B 12 ? A 10 ? B 11 ? 
# 
_atom_sites.entry_id                    161D 
_atom_sites.fract_transf_matrix[1][1]   0.01824922 
_atom_sites.fract_transf_matrix[1][2]   0.03278572 
_atom_sites.fract_transf_matrix[1][3]   0.00148824 
_atom_sites.fract_transf_matrix[2][1]   0.01389247 
_atom_sites.fract_transf_matrix[2][2]   -0.00841344 
_atom_sites.fract_transf_matrix[2][3]   0.01499334 
_atom_sites.fract_transf_matrix[3][1]   0.01265491 
_atom_sites.fract_transf_matrix[3][2]   -0.00634997 
_atom_sites.fract_transf_matrix[3][3]   -0.01528900 
_atom_sites.fract_transf_vector[1]      0.128375 
_atom_sites.fract_transf_vector[2]      -0.030937 
_atom_sites.fract_transf_vector[3]      0.221446 
# 
loop_
_atom_type.symbol 
C 
N 
O 
P 
# 
loop_
_atom_site.group_PDB 
_atom_site.id 
_atom_site.type_symbol 
_atom_site.label_atom_id 
_atom_site.label_alt_id 
_atom_site.label_comp_id 
_atom_site.label_asym_id 
_atom_site.label_entity_id 
_atom_site.label_seq_id 
_atom_site.pdbx_PDB_ins_code 
_atom_site.Cartn_x 
_atom_site.Cartn_y 
_atom_site.Cartn_z 
_atom_site.occupancy 
_atom_site.B_iso_or_equiv 
_atom_site.pdbx_formal_charge 
_atom_site.auth_seq_id 
_atom_site.auth_comp_id 
_atom_site.auth_asym_id 
_atom_site.auth_atom_id 
_atom_site.pdbx_PDB_model_num 
ATOM   1   O "O5'" . DC  A 1 1  ? -1.029  -9.436  9.606   1.00 43.63 ? 1  DC  A "O5'" 1 
ATOM   2   C "C5'" . DC  A 1 1  ? -0.470  -9.009  10.864  1.00 38.84 ? 1  DC  A "C5'" 1 
ATOM   3   C "C4'" . DC  A 1 1  ? 1.055   -9.140  10.903  1.00 38.33 ? 1  DC  A "C4'" 1 
ATOM   4   O "O4'" . DC  A 1 1  ? 1.459   -10.471 10.498  1.00 38.96 ? 1  DC  A "O4'" 1 
ATOM   5   C "C3'" . DC  A 1 1  ? 1.735   -8.165  9.968   1.00 35.75 ? 1  DC  A "C3'" 1 
ATOM   6   O "O3'" . DC  A 1 1  ? 1.936   -6.934  10.667  1.00 34.25 ? 1  DC  A "O3'" 1 
ATOM   7   C "C2'" . DC  A 1 1  ? 3.014   -8.914  9.674   1.00 34.40 ? 1  DC  A "C2'" 1 
ATOM   8   C "C1'" . DC  A 1 1  ? 2.605   -10.381 9.614   1.00 34.86 ? 1  DC  A "C1'" 1 
ATOM   9   N N1    . DC  A 1 1  ? 2.284   -10.857 8.235   1.00 31.02 ? 1  DC  A N1    1 
ATOM   10  C C2    . DC  A 1 1  ? 3.321   -11.096 7.372   1.00 28.30 ? 1  DC  A C2    1 
ATOM   11  O O2    . DC  A 1 1  ? 4.499   -11.039 7.724   1.00 26.43 ? 1  DC  A O2    1 
ATOM   12  N N3    . DC  A 1 1  ? 3.002   -11.434 6.106   1.00 28.21 ? 1  DC  A N3    1 
ATOM   13  C C4    . DC  A 1 1  ? 1.741   -11.551 5.677   1.00 28.92 ? 1  DC  A C4    1 
ATOM   14  N N4    . DC  A 1 1  ? 1.513   -11.892 4.409   1.00 30.44 ? 1  DC  A N4    1 
ATOM   15  C C5    . DC  A 1 1  ? 0.656   -11.327 6.553   1.00 29.02 ? 1  DC  A C5    1 
ATOM   16  C C6    . DC  A 1 1  ? 0.985   -10.987 7.813   1.00 31.90 ? 1  DC  A C6    1 
ATOM   17  P P     . DC  A 1 2  ? 2.364   -5.591  9.897   1.00 36.41 ? 2  DC  A P     1 
ATOM   18  O OP1   . DC  A 1 2  ? 2.557   -4.621  11.010  1.00 33.52 ? 2  DC  A OP1   1 
ATOM   19  O OP2   . DC  A 1 2  ? 1.190   -5.501  8.990   1.00 34.32 ? 2  DC  A OP2   1 
ATOM   20  O "O5'" . DC  A 1 2  ? 3.697   -5.679  8.988   1.00 35.05 ? 2  DC  A "O5'" 1 
ATOM   21  C "C5'" . DC  A 1 2  ? 5.007   -5.778  9.576   1.00 32.28 ? 2  DC  A "C5'" 1 
ATOM   22  C "C4'" . DC  A 1 2  ? 6.049   -6.296  8.575   1.00 30.60 ? 2  DC  A "C4'" 1 
ATOM   23  O "O4'" . DC  A 1 2  ? 5.693   -7.585  8.038   1.00 28.09 ? 2  DC  A "O4'" 1 
ATOM   24  C "C3'" . DC  A 1 2  ? 6.170   -5.382  7.371   1.00 29.17 ? 2  DC  A "C3'" 1 
ATOM   25  O "O3'" . DC  A 1 2  ? 6.921   -4.229  7.730   1.00 30.07 ? 2  DC  A "O3'" 1 
ATOM   26  C "C2'" . DC  A 1 2  ? 6.905   -6.319  6.443   1.00 26.51 ? 2  DC  A "C2'" 1 
ATOM   27  C "C1'" . DC  A 1 2  ? 6.155   -7.620  6.678   1.00 26.92 ? 2  DC  A "C1'" 1 
ATOM   28  N N1    . DC  A 1 2  ? 5.050   -7.882  5.699   1.00 24.81 ? 2  DC  A N1    1 
ATOM   29  C C2    . DC  A 1 2  ? 5.403   -8.402  4.459   1.00 21.93 ? 2  DC  A C2    1 
ATOM   30  O O2    . DC  A 1 2  ? 6.568   -8.502  4.084   1.00 25.10 ? 2  DC  A O2    1 
ATOM   31  N N3    . DC  A 1 2  ? 4.442   -8.732  3.587   1.00 19.19 ? 2  DC  A N3    1 
ATOM   32  C C4    . DC  A 1 2  ? 3.163   -8.557  3.877   1.00 21.43 ? 2  DC  A C4    1 
ATOM   33  N N4    . DC  A 1 2  ? 2.266   -8.953  2.966   1.00 19.73 ? 2  DC  A N4    1 
ATOM   34  C C5    . DC  A 1 2  ? 2.762   -7.995  5.143   1.00 22.17 ? 2  DC  A C5    1 
ATOM   35  C C6    . DC  A 1 2  ? 3.739   -7.679  6.018   1.00 22.14 ? 2  DC  A C6    1 
ATOM   36  P P     . DG  A 1 3  ? 6.992   -3.007  6.706   1.00 33.55 ? 3  DG  A P     1 
ATOM   37  O OP1   . DG  A 1 3  ? 7.851   -2.139  7.544   1.00 34.30 ? 3  DG  A OP1   1 
ATOM   38  O OP2   . DG  A 1 3  ? 5.570   -2.654  6.436   1.00 28.69 ? 3  DG  A OP2   1 
ATOM   39  O "O5'" . DG  A 1 3  ? 7.702   -3.115  5.226   1.00 28.54 ? 3  DG  A "O5'" 1 
ATOM   40  C "C5'" . DG  A 1 3  ? 9.022   -3.480  4.928   1.00 26.32 ? 3  DG  A "C5'" 1 
ATOM   41  C "C4'" . DG  A 1 3  ? 9.126   -4.121  3.524   1.00 26.59 ? 3  DG  A "C4'" 1 
ATOM   42  O "O4'" . DG  A 1 3  ? 8.301   -5.285  3.423   1.00 24.39 ? 3  DG  A "O4'" 1 
ATOM   43  C "C3'" . DG  A 1 3  ? 8.787   -3.277  2.294   1.00 25.05 ? 3  DG  A "C3'" 1 
ATOM   44  O "O3'" . DG  A 1 3  ? 9.813   -2.309  2.050   1.00 27.88 ? 3  DG  A "O3'" 1 
ATOM   45  C "C2'" . DG  A 1 3  ? 8.890   -4.434  1.330   1.00 21.65 ? 3  DG  A "C2'" 1 
ATOM   46  C "C1'" . DG  A 1 3  ? 8.148   -5.540  2.025   1.00 21.87 ? 3  DG  A "C1'" 1 
ATOM   47  N N9    . DG  A 1 3  ? 6.716   -5.488  1.699   1.00 20.20 ? 3  DG  A N9    1 
ATOM   48  C C8    . DG  A 1 3  ? 5.657   -5.331  2.547   1.00 18.33 ? 3  DG  A C8    1 
ATOM   49  N N7    . DG  A 1 3  ? 4.502   -5.576  1.984   1.00 20.79 ? 3  DG  A N7    1 
ATOM   50  C C5    . DG  A 1 3  ? 4.817   -5.908  0.662   1.00 20.33 ? 3  DG  A C5    1 
ATOM   51  C C6    . DG  A 1 3  ? 3.970   -6.320  -0.403  1.00 18.44 ? 3  DG  A C6    1 
ATOM   52  O O6    . DG  A 1 3  ? 2.759   -6.536  -0.344  1.00 17.97 ? 3  DG  A O6    1 
ATOM   53  N N1    . DG  A 1 3  ? 4.695   -6.586  -1.566  1.00 16.75 ? 3  DG  A N1    1 
ATOM   54  C C2    . DG  A 1 3  ? 6.081   -6.467  -1.674  1.00 19.40 ? 3  DG  A C2    1 
ATOM   55  N N2    . DG  A 1 3  ? 6.679   -6.754  -2.837  1.00 18.39 ? 3  DG  A N2    1 
ATOM   56  N N3    . DG  A 1 3  ? 6.871   -6.090  -0.666  1.00 18.89 ? 3  DG  A N3    1 
ATOM   57  C C4    . DG  A 1 3  ? 6.171   -5.833  0.472   1.00 21.06 ? 3  DG  A C4    1 
ATOM   58  P P     . DG  A 1 4  ? 9.713   -1.008  1.036   1.00 33.63 ? 4  DG  A P     1 
ATOM   59  O OP1   . DG  A 1 4  ? 10.940  -0.264  1.373   1.00 37.07 ? 4  DG  A OP1   1 
ATOM   60  O OP2   . DG  A 1 4  ? 8.411   -0.330  1.232   1.00 39.89 ? 4  DG  A OP2   1 
ATOM   61  O "O5'" . DG  A 1 4  ? 9.847   -1.528  -0.522  1.00 33.98 ? 4  DG  A "O5'" 1 
ATOM   62  C "C5'" . DG  A 1 4  ? 11.054  -2.002  -1.178  1.00 28.33 ? 4  DG  A "C5'" 1 
ATOM   63  C "C4'" . DG  A 1 4  ? 10.796  -2.358  -2.644  1.00 25.54 ? 4  DG  A "C4'" 1 
ATOM   64  O "O4'" . DG  A 1 4  ? 9.864   -3.442  -2.719  1.00 24.69 ? 4  DG  A "O4'" 1 
ATOM   65  C "C3'" . DG  A 1 4  ? 10.100  -1.225  -3.414  1.00 26.70 ? 4  DG  A "C3'" 1 
ATOM   66  O "O3'" . DG  A 1 4  ? 10.984  -0.161  -3.841  1.00 31.52 ? 4  DG  A "O3'" 1 
ATOM   67  C "C2'" . DG  A 1 4  ? 9.428   -1.954  -4.536  1.00 23.00 ? 4  DG  A "C2'" 1 
ATOM   68  C "C1'" . DG  A 1 4  ? 8.979   -3.217  -3.849  1.00 22.82 ? 4  DG  A "C1'" 1 
ATOM   69  N N9    . DG  A 1 4  ? 7.591   -3.119  -3.364  1.00 21.84 ? 4  DG  A N9    1 
ATOM   70  C C8    . DG  A 1 4  ? 7.134   -2.911  -2.092  1.00 18.67 ? 4  DG  A C8    1 
ATOM   71  N N7    . DG  A 1 4  ? 5.845   -3.069  -1.958  1.00 19.52 ? 4  DG  A N7    1 
ATOM   72  C C5    . DG  A 1 4  ? 5.415   -3.389  -3.242  1.00 20.59 ? 4  DG  A C5    1 
ATOM   73  C C6    . DG  A 1 4  ? 4.110   -3.711  -3.713  1.00 20.63 ? 4  DG  A C6    1 
ATOM   74  O O6    . DG  A 1 4  ? 3.064   -3.749  -3.069  1.00 20.91 ? 4  DG  A O6    1 
ATOM   75  N N1    . DG  A 1 4  ? 4.124   -4.038  -5.077  1.00 23.28 ? 4  DG  A N1    1 
ATOM   76  C C2    . DG  A 1 4  ? 5.267   -4.053  -5.893  1.00 22.32 ? 4  DG  A C2    1 
ATOM   77  N N2    . DG  A 1 4  ? 5.152   -4.376  -7.197  1.00 21.87 ? 4  DG  A N2    1 
ATOM   78  N N3    . DG  A 1 4  ? 6.483   -3.744  -5.424  1.00 21.36 ? 4  DG  A N3    1 
ATOM   79  C C4    . DG  A 1 4  ? 6.480   -3.423  -4.106  1.00 20.65 ? 4  DG  A C4    1 
ATOM   80  P P     . DC  A 1 5  ? 10.416  1.365   -3.916  1.00 32.12 ? 5  DC  A P     1 
ATOM   81  O OP1   . DC  A 1 5  ? 11.799  1.810   -4.279  1.00 31.31 ? 5  DC  A OP1   1 
ATOM   82  O OP2   . DC  A 1 5  ? 9.656   2.059   -2.849  1.00 29.31 ? 5  DC  A OP2   1 
ATOM   83  O "O5'" . DC  A 1 5  ? 9.493   1.218   -5.247  1.00 29.65 ? 5  DC  A "O5'" 1 
ATOM   84  C "C5'" . DC  A 1 5  ? 8.372   2.071   -5.478  1.00 25.76 ? 5  DC  A "C5'" 1 
ATOM   85  C "C4'" . DC  A 1 5  ? 7.527   1.509   -6.613  1.00 26.31 ? 5  DC  A "C4'" 1 
ATOM   86  O "O4'" . DC  A 1 5  ? 7.051   0.208   -6.254  1.00 25.58 ? 5  DC  A "O4'" 1 
ATOM   87  C "C3'" . DC  A 1 5  ? 6.287   2.359   -6.851  1.00 25.92 ? 5  DC  A "C3'" 1 
ATOM   88  O "O3'" . DC  A 1 5  ? 6.575   3.557   -7.594  1.00 27.58 ? 5  DC  A "O3'" 1 
ATOM   89  C "C2'" . DC  A 1 5  ? 5.374   1.373   -7.489  1.00 22.34 ? 5  DC  A "C2'" 1 
ATOM   90  C "C1'" . DC  A 1 5  ? 5.666   0.129   -6.631  1.00 24.07 ? 5  DC  A "C1'" 1 
ATOM   91  N N1    . DC  A 1 5  ? 4.795   -0.043  -5.429  1.00 22.06 ? 5  DC  A N1    1 
ATOM   92  C C2    . DC  A 1 5  ? 3.501   -0.501  -5.612  1.00 21.44 ? 5  DC  A C2    1 
ATOM   93  O O2    . DC  A 1 5  ? 3.088   -0.764  -6.741  1.00 23.29 ? 5  DC  A O2    1 
ATOM   94  N N3    . DC  A 1 5  ? 2.673   -0.646  -4.526  1.00 21.58 ? 5  DC  A N3    1 
ATOM   95  C C4    . DC  A 1 5  ? 3.092   -0.343  -3.290  1.00 20.83 ? 5  DC  A C4    1 
ATOM   96  N N4    . DC  A 1 5  ? 2.246   -0.456  -2.272  1.00 19.85 ? 5  DC  A N4    1 
ATOM   97  C C5    . DC  A 1 5  ? 4.426   0.130   -3.070  1.00 23.29 ? 5  DC  A C5    1 
ATOM   98  C C6    . DC  A 1 5  ? 5.234   0.258   -4.157  1.00 24.31 ? 5  DC  A C6    1 
ATOM   99  P P     . G   A 1 6  ? 5.812   4.905   -7.150  1.00 27.93 ? 6  G   A P     1 
ATOM   100 O OP1   . G   A 1 6  ? 6.776   5.656   -7.972  1.00 30.55 ? 6  G   A OP1   1 
ATOM   101 O OP2   . G   A 1 6  ? 5.603   5.253   -5.733  1.00 30.72 ? 6  G   A OP2   1 
ATOM   102 O "O5'" . G   A 1 6  ? 4.381   4.787   -7.879  1.00 29.62 ? 6  G   A "O5'" 1 
ATOM   103 C "C5'" . G   A 1 6  ? 4.275   4.729   -9.302  1.00 26.96 ? 6  G   A "C5'" 1 
ATOM   104 C "C4'" . G   A 1 6  ? 2.889   4.311   -9.756  1.00 25.18 ? 6  G   A "C4'" 1 
ATOM   105 O "O4'" . G   A 1 6  ? 2.521   3.013   -9.272  1.00 25.66 ? 6  G   A "O4'" 1 
ATOM   106 C "C3'" . G   A 1 6  ? 1.844   5.242   -9.191  1.00 25.47 ? 6  G   A "C3'" 1 
ATOM   107 O "O3'" . G   A 1 6  ? 1.793   6.522   -9.839  1.00 25.78 ? 6  G   A "O3'" 1 
ATOM   108 C "C2'" . G   A 1 6  ? 0.615   4.384   -9.369  1.00 24.50 ? 6  G   A "C2'" 1 
ATOM   109 O "O2'" . G   A 1 6  ? 0.216   4.329   -10.730 1.00 24.05 ? 6  G   A "O2'" 1 
ATOM   110 C "C1'" . G   A 1 6  ? 1.133   3.036   -8.885  1.00 23.08 ? 6  G   A "C1'" 1 
ATOM   111 N N9    . G   A 1 6  ? 0.981   2.856   -7.412  1.00 21.06 ? 6  G   A N9    1 
ATOM   112 C C8    . G   A 1 6  ? 1.921   3.020   -6.408  1.00 19.12 ? 6  G   A C8    1 
ATOM   113 N N7    . G   A 1 6  ? 1.492   2.676   -5.223  1.00 21.43 ? 6  G   A N7    1 
ATOM   114 C C5    . G   A 1 6  ? 0.174   2.251   -5.451  1.00 20.63 ? 6  G   A C5    1 
ATOM   115 C C6    . G   A 1 6  ? -0.816  1.813   -4.534  1.00 19.71 ? 6  G   A C6    1 
ATOM   116 O O6    . G   A 1 6  ? -0.711  1.671   -3.312  1.00 20.54 ? 6  G   A O6    1 
ATOM   117 N N1    . G   A 1 6  ? -2.032  1.562   -5.152  1.00 16.41 ? 6  G   A N1    1 
ATOM   118 C C2    . G   A 1 6  ? -2.281  1.711   -6.484  1.00 17.84 ? 6  G   A C2    1 
ATOM   119 N N2    . G   A 1 6  ? -3.503  1.417   -6.912  1.00 16.78 ? 6  G   A N2    1 
ATOM   120 N N3    . G   A 1 6  ? -1.357  2.117   -7.347  1.00 17.98 ? 6  G   A N3    1 
ATOM   121 C C4    . G   A 1 6  ? -0.153  2.368   -6.776  1.00 20.58 ? 6  G   A C4    1 
ATOM   122 P P     . DC  A 1 7  ? 1.564   7.864   -9.021  1.00 27.76 ? 7  DC  A P     1 
ATOM   123 O OP1   . DC  A 1 7  ? 1.804   8.730   -10.190 1.00 29.22 ? 7  DC  A OP1   1 
ATOM   124 O OP2   . DC  A 1 7  ? 2.377   8.042   -7.810  1.00 31.91 ? 7  DC  A OP2   1 
ATOM   125 O "O5'" . DC  A 1 7  ? -0.001  7.951   -8.632  1.00 25.43 ? 7  DC  A "O5'" 1 
ATOM   126 C "C5'" . DC  A 1 7  ? -1.067  8.012   -9.599  1.00 22.47 ? 7  DC  A "C5'" 1 
ATOM   127 C "C4'" . DC  A 1 7  ? -2.406  7.477   -9.046  1.00 19.91 ? 7  DC  A "C4'" 1 
ATOM   128 O "O4'" . DC  A 1 7  ? -2.204  6.182   -8.475  1.00 21.73 ? 7  DC  A "O4'" 1 
ATOM   129 C "C3'" . DC  A 1 7  ? -2.899  8.261   -7.889  1.00 19.28 ? 7  DC  A "C3'" 1 
ATOM   130 O "O3'" . DC  A 1 7  ? -3.593  9.404   -8.349  1.00 22.19 ? 7  DC  A "O3'" 1 
ATOM   131 C "C2'" . DC  A 1 7  ? -3.760  7.285   -7.214  1.00 18.02 ? 7  DC  A "C2'" 1 
ATOM   132 C "C1'" . DC  A 1 7  ? -3.000  5.992   -7.321  1.00 20.03 ? 7  DC  A "C1'" 1 
ATOM   133 N N1    . DC  A 1 7  ? -2.225  5.640   -6.107  1.00 20.79 ? 7  DC  A N1    1 
ATOM   134 C C2    . DC  A 1 7  ? -2.957  5.092   -5.074  1.00 20.19 ? 7  DC  A C2    1 
ATOM   135 O O2    . DC  A 1 7  ? -4.164  4.905   -5.170  1.00 19.70 ? 7  DC  A O2    1 
ATOM   136 N N3    . DC  A 1 7  ? -2.333  4.837   -3.891  1.00 20.96 ? 7  DC  A N3    1 
ATOM   137 C C4    . DC  A 1 7  ? -1.032  5.120   -3.702  1.00 20.79 ? 7  DC  A C4    1 
ATOM   138 N N4    . DC  A 1 7  ? -0.538  4.926   -2.463  1.00 20.77 ? 7  DC  A N4    1 
ATOM   139 C C5    . DC  A 1 7  ? -0.244  5.683   -4.770  1.00 18.90 ? 7  DC  A C5    1 
ATOM   140 C C6    . DC  A 1 7  ? -0.878  5.919   -5.946  1.00 20.12 ? 7  DC  A C6    1 
ATOM   141 P P     . DC  A 1 8  ? -3.568  10.665  -7.331  1.00 27.84 ? 8  DC  A P     1 
ATOM   142 O OP1   . DC  A 1 8  ? -4.157  11.710  -8.208  1.00 27.36 ? 8  DC  A OP1   1 
ATOM   143 O OP2   . DC  A 1 8  ? -2.362  10.996  -6.549  1.00 28.69 ? 8  DC  A OP2   1 
ATOM   144 O "O5'" . DC  A 1 8  ? -4.717  10.198  -6.226  1.00 28.85 ? 8  DC  A "O5'" 1 
ATOM   145 C "C5'" . DC  A 1 8  ? -6.123  10.045  -6.539  1.00 21.36 ? 8  DC  A "C5'" 1 
ATOM   146 C "C4'" . DC  A 1 8  ? -6.884  9.386   -5.417  1.00 19.61 ? 8  DC  A "C4'" 1 
ATOM   147 O "O4'" . DC  A 1 8  ? -6.299  8.119   -5.101  1.00 17.83 ? 8  DC  A "O4'" 1 
ATOM   148 C "C3'" . DC  A 1 8  ? -6.917  10.151  -4.118  1.00 18.13 ? 8  DC  A "C3'" 1 
ATOM   149 O "O3'" . DC  A 1 8  ? -7.819  11.259  -4.208  1.00 24.21 ? 8  DC  A "O3'" 1 
ATOM   150 C "C2'" . DC  A 1 8  ? -7.472  9.021   -3.322  1.00 18.49 ? 8  DC  A "C2'" 1 
ATOM   151 C "C1'" . DC  A 1 8  ? -6.599  7.828   -3.740  1.00 18.24 ? 8  DC  A "C1'" 1 
ATOM   152 N N1    . DC  A 1 8  ? -5.365  7.736   -2.895  1.00 16.94 ? 8  DC  A N1    1 
ATOM   153 C C2    . DC  A 1 8  ? -5.507  7.210   -1.602  1.00 14.65 ? 8  DC  A C2    1 
ATOM   154 O O2    . DC  A 1 8  ? -6.584  6.793   -1.184  1.00 18.54 ? 8  DC  A O2    1 
ATOM   155 N N3    . DC  A 1 8  ? -4.425  7.120   -0.798  1.00 13.86 ? 8  DC  A N3    1 
ATOM   156 C C4    . DC  A 1 8  ? -3.227  7.526   -1.248  1.00 17.11 ? 8  DC  A C4    1 
ATOM   157 N N4    . DC  A 1 8  ? -2.173  7.391   -0.444  1.00 18.13 ? 8  DC  A N4    1 
ATOM   158 C C5    . DC  A 1 8  ? -3.050  8.071   -2.570  1.00 16.97 ? 8  DC  A C5    1 
ATOM   159 C C6    . DC  A 1 8  ? -4.144  8.157   -3.356  1.00 17.19 ? 8  DC  A C6    1 
ATOM   160 P P     . DG  A 1 9  ? -7.837  12.576  -3.235  1.00 25.89 ? 9  DG  A P     1 
ATOM   161 O OP1   . DG  A 1 9  ? -8.815  13.429  -3.945  1.00 27.24 ? 9  DG  A OP1   1 
ATOM   162 O OP2   . DG  A 1 9  ? -6.440  13.044  -3.032  1.00 25.83 ? 9  DG  A OP2   1 
ATOM   163 O "O5'" . DG  A 1 9  ? -8.497  12.088  -1.844  1.00 23.08 ? 9  DG  A "O5'" 1 
ATOM   164 C "C5'" . DG  A 1 9  ? -9.868  11.696  -1.733  1.00 23.16 ? 9  DG  A "C5'" 1 
ATOM   165 C "C4'" . DG  A 1 9  ? -10.125 11.036  -0.387  1.00 25.19 ? 9  DG  A "C4'" 1 
ATOM   166 O "O4'" . DG  A 1 9  ? -9.271  9.888   -0.245  1.00 23.82 ? 9  DG  A "O4'" 1 
ATOM   167 C "C3'" . DG  A 1 9  ? -9.767  11.910  0.821   1.00 26.31 ? 9  DG  A "C3'" 1 
ATOM   168 O "O3'" . DG  A 1 9  ? -10.771 12.903  1.150   1.00 29.79 ? 9  DG  A "O3'" 1 
ATOM   169 C "C2'" . DG  A 1 9  ? -9.693  10.793  1.845   1.00 24.42 ? 9  DG  A "C2'" 1 
ATOM   170 C "C1'" . DG  A 1 9  ? -8.911  9.685   1.130   1.00 20.91 ? 9  DG  A "C1'" 1 
ATOM   171 N N9    . DG  A 1 9  ? -7.446  9.792   1.329   1.00 16.72 ? 9  DG  A N9    1 
ATOM   172 C C8    . DG  A 1 9  ? -6.497  10.167  0.434   1.00 13.94 ? 9  DG  A C8    1 
ATOM   173 N N7    . DG  A 1 9  ? -5.286  10.160  0.905   1.00 14.47 ? 9  DG  A N7    1 
ATOM   174 C C5    . DG  A 1 9  ? -5.439  9.739   2.213   1.00 17.08 ? 9  DG  A C5    1 
ATOM   175 C C6    . DG  A 1 9  ? -4.453  9.528   3.220   1.00 19.15 ? 9  DG  A C6    1 
ATOM   176 O O6    . DG  A 1 9  ? -3.236  9.657   3.072   1.00 17.79 ? 9  DG  A O6    1 
ATOM   177 N N1    . DG  A 1 9  ? -5.016  9.091   4.443   1.00 16.53 ? 9  DG  A N1    1 
ATOM   178 C C2    . DG  A 1 9  ? -6.370  8.883   4.654   1.00 16.63 ? 9  DG  A C2    1 
ATOM   179 N N2    . DG  A 1 9  ? -6.797  8.450   5.848   1.00 13.71 ? 9  DG  A N2    1 
ATOM   180 N N3    . DG  A 1 9  ? -7.277  9.088   3.685   1.00 18.42 ? 9  DG  A N3    1 
ATOM   181 C C4    . DG  A 1 9  ? -6.753  9.513   2.493   1.00 16.71 ? 9  DG  A C4    1 
ATOM   182 P P     . DG  A 1 10 ? -10.349 14.294  1.869   1.00 24.82 ? 10 DG  A P     1 
ATOM   183 O OP1   . DG  A 1 10 ? -11.766 14.752  1.791   1.00 25.34 ? 10 DG  A OP1   1 
ATOM   184 O OP2   . DG  A 1 10 ? -9.232  15.103  1.355   1.00 23.65 ? 10 DG  A OP2   1 
ATOM   185 O "O5'" . DG  A 1 10 ? -9.977  13.735  3.351   1.00 23.77 ? 10 DG  A "O5'" 1 
ATOM   186 C "C5'" . DG  A 1 10 ? -10.943 13.323  4.341   1.00 22.03 ? 10 DG  A "C5'" 1 
ATOM   187 C "C4'" . DG  A 1 10 ? -10.327 13.089  5.732   1.00 22.23 ? 10 DG  A "C4'" 1 
ATOM   188 O "O4'" . DG  A 1 10 ? -9.317  12.066  5.726   1.00 23.42 ? 10 DG  A "O4'" 1 
ATOM   189 C "C3'" . DG  A 1 10 ? -9.649  14.331  6.315   1.00 24.48 ? 10 DG  A "C3'" 1 
ATOM   190 O "O3'" . DG  A 1 10 ? -10.650 15.251  6.808   1.00 27.06 ? 10 DG  A "O3'" 1 
ATOM   191 C "C2'" . DG  A 1 10 ? -8.803  13.640  7.380   1.00 23.67 ? 10 DG  A "C2'" 1 
ATOM   192 C "C1'" . DG  A 1 10 ? -8.299  12.346  6.705   1.00 23.15 ? 10 DG  A "C1'" 1 
ATOM   193 N N9    . DG  A 1 10 ? -6.983  12.470  5.994   1.00 22.59 ? 10 DG  A N9    1 
ATOM   194 C C8    . DG  A 1 10 ? -6.707  12.895  4.701   1.00 19.18 ? 10 DG  A C8    1 
ATOM   195 N N7    . DG  A 1 10 ? -5.448  12.853  4.384   1.00 18.10 ? 10 DG  A N7    1 
ATOM   196 C C5    . DG  A 1 10 ? -4.831  12.374  5.545   1.00 19.67 ? 10 DG  A C5    1 
ATOM   197 C C6    . DG  A 1 10 ? -3.439  12.175  5.825   1.00 20.04 ? 10 DG  A C6    1 
ATOM   198 O O6    . DG  A 1 10 ? -2.456  12.461  5.128   1.00 19.22 ? 10 DG  A O6    1 
ATOM   199 N N1    . DG  A 1 10 ? -3.253  11.723  7.119   1.00 20.81 ? 10 DG  A N1    1 
ATOM   200 C C2    . DG  A 1 10 ? -4.256  11.512  8.040   1.00 21.66 ? 10 DG  A C2    1 
ATOM   201 N N2    . DG  A 1 10 ? -3.876  11.072  9.244   1.00 23.09 ? 10 DG  A N2    1 
ATOM   202 N N3    . DG  A 1 10 ? -5.561  11.711  7.789   1.00 19.85 ? 10 DG  A N3    1 
ATOM   203 C C4    . DG  A 1 10 ? -5.764  12.136  6.525   1.00 20.19 ? 10 DG  A C4    1 
ATOM   204 O "O5'" . DC  B 1 1  ? 4.251   8.505   9.845   1.00 55.62 ? 11 DC  B "O5'" 1 
ATOM   205 C "C5'" . DC  B 1 1  ? 4.351   8.549   11.291  1.00 50.21 ? 11 DC  B "C5'" 1 
ATOM   206 C "C4'" . DC  B 1 1  ? 2.996   8.812   11.988  1.00 45.70 ? 11 DC  B "C4'" 1 
ATOM   207 O "O4'" . DC  B 1 1  ? 2.493   10.139  11.760  1.00 42.62 ? 11 DC  B "O4'" 1 
ATOM   208 C "C3'" . DC  B 1 1  ? 1.959   7.877   11.413  1.00 43.35 ? 11 DC  B "C3'" 1 
ATOM   209 O "O3'" . DC  B 1 1  ? 2.169   6.557   11.941  1.00 41.97 ? 11 DC  B "O3'" 1 
ATOM   210 C "C2'" . DC  B 1 1  ? 0.705   8.618   11.776  1.00 41.88 ? 11 DC  B "C2'" 1 
ATOM   211 C "C1'" . DC  B 1 1  ? 1.079   10.061  11.458  1.00 41.67 ? 11 DC  B "C1'" 1 
ATOM   212 N N1    . DC  B 1 1  ? 0.820   10.491  10.045  1.00 39.76 ? 11 DC  B N1    1 
ATOM   213 C C2    . DC  B 1 1  ? -0.491  10.618  9.613   1.00 39.62 ? 11 DC  B C2    1 
ATOM   214 O O2    . DC  B 1 1  ? -1.452  10.307  10.326  1.00 39.48 ? 11 DC  B O2    1 
ATOM   215 N N3    . DC  B 1 1  ? -0.703  11.082  8.345   1.00 39.80 ? 11 DC  B N3    1 
ATOM   216 C C4    . DC  B 1 1  ? 0.312   11.409  7.518   1.00 40.93 ? 11 DC  B C4    1 
ATOM   217 N N4    . DC  B 1 1  ? 0.047   11.835  6.270   1.00 40.81 ? 11 DC  B N4    1 
ATOM   218 C C5    . DC  B 1 1  ? 1.670   11.279  7.953   1.00 40.65 ? 11 DC  B C5    1 
ATOM   219 C C6    . DC  B 1 1  ? 1.858   10.820  9.208   1.00 40.75 ? 11 DC  B C6    1 
ATOM   220 P P     . DC  B 1 2  ? 1.435   5.265   11.333  1.00 42.54 ? 12 DC  B P     1 
ATOM   221 O OP1   . DC  B 1 2  ? 1.564   3.932   11.965  1.00 45.12 ? 12 DC  B OP1   1 
ATOM   222 O OP2   . DC  B 1 2  ? 2.135   5.561   10.058  1.00 44.54 ? 12 DC  B OP2   1 
ATOM   223 O "O5'" . DC  B 1 2  ? -0.155  5.482   11.134  1.00 42.12 ? 12 DC  B "O5'" 1 
ATOM   224 C "C5'" . DC  B 1 2  ? -1.092  5.418   12.222  1.00 35.46 ? 12 DC  B "C5'" 1 
ATOM   225 C "C4'" . DC  B 1 2  ? -2.456  5.909   11.763  1.00 32.77 ? 12 DC  B "C4'" 1 
ATOM   226 O "O4'" . DC  B 1 2  ? -2.379  7.199   11.116  1.00 29.63 ? 12 DC  B "O4'" 1 
ATOM   227 C "C3'" . DC  B 1 2  ? -3.054  4.990   10.741  1.00 32.28 ? 12 DC  B "C3'" 1 
ATOM   228 O "O3'" . DC  B 1 2  ? -3.528  3.742   11.310  1.00 33.95 ? 12 DC  B "O3'" 1 
ATOM   229 C "C2'" . DC  B 1 2  ? -4.088  5.926   10.142  1.00 28.05 ? 12 DC  B "C2'" 1 
ATOM   230 C "C1'" . DC  B 1 2  ? -3.374  7.262   10.062  1.00 27.79 ? 12 DC  B "C1'" 1 
ATOM   231 N N1    . DC  B 1 2  ? -2.739  7.574   8.728   1.00 25.67 ? 12 DC  B N1    1 
ATOM   232 C C2    . DC  B 1 2  ? -3.545  8.076   7.678   1.00 23.63 ? 12 DC  B C2    1 
ATOM   233 O O2    . DC  B 1 2  ? -4.784  8.101   7.705   1.00 22.12 ? 12 DC  B O2    1 
ATOM   234 N N3    . DC  B 1 2  ? -2.939  8.464   6.533   1.00 22.25 ? 12 DC  B N3    1 
ATOM   235 C C4    . DC  B 1 2  ? -1.614  8.351   6.392   1.00 21.43 ? 12 DC  B C4    1 
ATOM   236 N N4    . DC  B 1 2  ? -1.079  8.773   5.256   1.00 19.41 ? 12 DC  B N4    1 
ATOM   237 C C5    . DC  B 1 2  ? -0.772  7.824   7.433   1.00 22.30 ? 12 DC  B C5    1 
ATOM   238 C C6    . DC  B 1 2  ? -1.380  7.454   8.578   1.00 22.72 ? 12 DC  B C6    1 
ATOM   239 P P     . DG  B 1 3  ? -3.538  2.455   10.307  1.00 36.80 ? 13 DG  B P     1 
ATOM   240 O OP1   . DG  B 1 3  ? -4.065  1.462   11.270  1.00 39.24 ? 13 DG  B OP1   1 
ATOM   241 O OP2   . DG  B 1 3  ? -2.181  2.254   9.727   1.00 35.83 ? 13 DG  B OP2   1 
ATOM   242 O "O5'" . DG  B 1 3  ? -4.609  2.562   9.100   1.00 34.27 ? 13 DG  B "O5'" 1 
ATOM   243 C "C5'" . DG  B 1 3  ? -6.020  2.590   9.352   1.00 30.81 ? 13 DG  B "C5'" 1 
ATOM   244 C "C4'" . DG  B 1 3  ? -6.820  3.078   8.145   1.00 28.48 ? 13 DG  B "C4'" 1 
ATOM   245 O "O4'" . DG  B 1 3  ? -6.395  4.369   7.728   1.00 26.28 ? 13 DG  B "O4'" 1 
ATOM   246 C "C3'" . DG  B 1 3  ? -6.592  2.265   6.896   1.00 28.71 ? 13 DG  B "C3'" 1 
ATOM   247 O "O3'" . DG  B 1 3  ? -7.178  0.938   6.947   1.00 33.25 ? 13 DG  B "O3'" 1 
ATOM   248 C "C2'" . DG  B 1 3  ? -7.280  3.226   5.965   1.00 25.75 ? 13 DG  B "C2'" 1 
ATOM   249 C "C1'" . DG  B 1 3  ? -6.696  4.560   6.342   1.00 24.18 ? 13 DG  B "C1'" 1 
ATOM   250 N N9    . DG  B 1 3  ? -5.488  4.879   5.530   1.00 23.47 ? 13 DG  B N9    1 
ATOM   251 C C8    . DG  B 1 3  ? -4.152  4.807   5.863   1.00 21.40 ? 13 DG  B C8    1 
ATOM   252 N N7    . DG  B 1 3  ? -3.341  5.222   4.915   1.00 19.96 ? 13 DG  B N7    1 
ATOM   253 C C5    . DG  B 1 3  ? -4.195  5.586   3.876   1.00 19.49 ? 13 DG  B C5    1 
ATOM   254 C C6    . DG  B 1 3  ? -3.897  6.028   2.573   1.00 14.92 ? 13 DG  B C6    1 
ATOM   255 O O6    . DG  B 1 3  ? -2.789  6.228   2.119   1.00 17.66 ? 13 DG  B O6    1 
ATOM   256 N N1    . DG  B 1 3  ? -5.035  6.217   1.783   1.00 13.32 ? 13 DG  B N1    1 
ATOM   257 C C2    . DG  B 1 3  ? -6.332  5.987   2.214   1.00 16.72 ? 13 DG  B C2    1 
ATOM   258 N N2    . DG  B 1 3  ? -7.363  6.181   1.390   1.00 16.50 ? 13 DG  B N2    1 
ATOM   259 N N3    . DG  B 1 3  ? -6.603  5.563   3.445   1.00 20.30 ? 13 DG  B N3    1 
ATOM   260 C C4    . DG  B 1 3  ? -5.500  5.383   4.230   1.00 20.95 ? 13 DG  B C4    1 
ATOM   261 P P     . DG  B 1 4  ? -6.703  -0.228  5.919   1.00 34.68 ? 14 DG  B P     1 
ATOM   262 O OP1   . DG  B 1 4  ? -7.626  -1.170  6.582   1.00 33.00 ? 14 DG  B OP1   1 
ATOM   263 O OP2   . DG  B 1 4  ? -5.234  -0.490  5.842   1.00 36.04 ? 14 DG  B OP2   1 
ATOM   264 O "O5'" . DG  B 1 4  ? -7.284  0.166   4.462   1.00 31.63 ? 14 DG  B "O5'" 1 
ATOM   265 C "C5'" . DG  B 1 4  ? -8.703  0.251   4.264   1.00 27.22 ? 14 DG  B "C5'" 1 
ATOM   266 C "C4'" . DG  B 1 4  ? -9.067  0.871   2.919   1.00 25.77 ? 14 DG  B "C4'" 1 
ATOM   267 O "O4'" . DG  B 1 4  ? -8.378  2.121   2.749   1.00 24.44 ? 14 DG  B "O4'" 1 
ATOM   268 C "C3'" . DG  B 1 4  ? -8.634  0.021   1.769   1.00 25.08 ? 14 DG  B "C3'" 1 
ATOM   269 O "O3'" . DG  B 1 4  ? -9.609  -1.024  1.554   1.00 26.35 ? 14 DG  B "O3'" 1 
ATOM   270 C "C2'" . DG  B 1 4  ? -8.547  1.079   0.685   1.00 22.51 ? 14 DG  B "C2'" 1 
ATOM   271 C "C1'" . DG  B 1 4  ? -8.034  2.310   1.386   1.00 21.08 ? 14 DG  B "C1'" 1 
ATOM   272 N N9    . DG  B 1 4  ? -6.584  2.487   1.302   1.00 19.51 ? 14 DG  B N9    1 
ATOM   273 C C8    . DG  B 1 4  ? -5.629  2.294   2.266   1.00 17.62 ? 14 DG  B C8    1 
ATOM   274 N N7    . DG  B 1 4  ? -4.421  2.570   1.847   1.00 19.55 ? 14 DG  B N7    1 
ATOM   275 C C5    . DG  B 1 4  ? -4.581  2.967   0.526   1.00 17.46 ? 14 DG  B C5    1 
ATOM   276 C C6    . DG  B 1 4  ? -3.614  3.422   -0.427  1.00 16.89 ? 14 DG  B C6    1 
ATOM   277 O O6    . DG  B 1 4  ? -2.393  3.549   -0.282  1.00 19.37 ? 14 DG  B O6    1 
ATOM   278 N N1    . DG  B 1 4  ? -4.208  3.762   -1.643  1.00 13.55 ? 14 DG  B N1    1 
ATOM   279 C C2    . DG  B 1 4  ? -5.562  3.675   -1.900  1.00 15.61 ? 14 DG  B C2    1 
ATOM   280 N N2    . DG  B 1 4  ? -5.974  3.942   -3.131  1.00 16.37 ? 14 DG  B N2    1 
ATOM   281 N N3    . DG  B 1 4  ? -6.465  3.259   -1.002  1.00 18.79 ? 14 DG  B N3    1 
ATOM   282 C C4    . DG  B 1 4  ? -5.907  2.919   0.186   1.00 18.67 ? 14 DG  B C4    1 
ATOM   283 P P     . DC  B 1 5  ? -9.100  -2.436  0.937   1.00 29.62 ? 15 DC  B P     1 
ATOM   284 O OP1   . DC  B 1 5  ? -10.184 -3.416  1.138   1.00 30.85 ? 15 DC  B OP1   1 
ATOM   285 O OP2   . DC  B 1 5  ? -7.764  -2.695  1.531   1.00 30.61 ? 15 DC  B OP2   1 
ATOM   286 O "O5'" . DC  B 1 5  ? -8.839  -2.323  -0.635  1.00 27.45 ? 15 DC  B "O5'" 1 
ATOM   287 C "C5'" . DC  B 1 5  ? -9.957  -1.995  -1.461  1.00 29.14 ? 15 DC  B "C5'" 1 
ATOM   288 C "C4'" . DC  B 1 5  ? -9.548  -1.447  -2.819  1.00 29.45 ? 15 DC  B "C4'" 1 
ATOM   289 O "O4'" . DC  B 1 5  ? -8.852  -0.201  -2.672  1.00 31.06 ? 15 DC  B "O4'" 1 
ATOM   290 C "C3'" . DC  B 1 5  ? -8.583  -2.358  -3.550  1.00 30.27 ? 15 DC  B "C3'" 1 
ATOM   291 O "O3'" . DC  B 1 5  ? -9.169  -3.532  -4.166  1.00 31.62 ? 15 DC  B "O3'" 1 
ATOM   292 C "C2'" . DC  B 1 5  ? -8.022  -1.352  -4.519  1.00 29.41 ? 15 DC  B "C2'" 1 
ATOM   293 C "C1'" . DC  B 1 5  ? -7.857  -0.089  -3.693  1.00 26.80 ? 15 DC  B "C1'" 1 
ATOM   294 N N1    . DC  B 1 5  ? -6.484  0.013   -3.152  1.00 24.49 ? 15 DC  B N1    1 
ATOM   295 C C2    . DC  B 1 5  ? -5.527  0.604   -3.979  1.00 24.11 ? 15 DC  B C2    1 
ATOM   296 O O2    . DC  B 1 5  ? -5.838  0.987   -5.121  1.00 22.03 ? 15 DC  B O2    1 
ATOM   297 N N3    . DC  B 1 5  ? -4.238  0.719   -3.474  1.00 20.46 ? 15 DC  B N3    1 
ATOM   298 C C4    . DC  B 1 5  ? -3.914  0.270   -2.234  1.00 16.98 ? 15 DC  B C4    1 
ATOM   299 N N4    . DC  B 1 5  ? -2.680  0.471   -1.739  1.00 15.50 ? 15 DC  B N4    1 
ATOM   300 C C5    . DC  B 1 5  ? -4.903  -0.346  -1.408  1.00 19.15 ? 15 DC  B C5    1 
ATOM   301 C C6    . DC  B 1 5  ? -6.158  -0.445  -1.901  1.00 18.77 ? 15 DC  B C6    1 
ATOM   302 P P     . G   B 1 6  ? -8.204  -4.858  -4.146  1.00 36.44 ? 16 G   B P     1 
ATOM   303 O OP1   . G   B 1 6  ? -9.526  -5.415  -4.506  1.00 35.60 ? 16 G   B OP1   1 
ATOM   304 O OP2   . G   B 1 6  ? -7.321  -5.439  -3.085  1.00 32.18 ? 16 G   B OP2   1 
ATOM   305 O "O5'" . G   B 1 6  ? -7.347  -4.670  -5.466  1.00 31.35 ? 16 G   B "O5'" 1 
ATOM   306 C "C5'" . G   B 1 6  ? -7.815  -4.434  -6.782  1.00 29.65 ? 16 G   B "C5'" 1 
ATOM   307 C "C4'" . G   B 1 6  ? -6.585  -4.072  -7.612  1.00 27.70 ? 16 G   B "C4'" 1 
ATOM   308 O "O4'" . G   B 1 6  ? -5.959  -2.960  -6.997  1.00 26.45 ? 16 G   B "O4'" 1 
ATOM   309 C "C3'" . G   B 1 6  ? -5.447  -5.095  -7.581  1.00 29.53 ? 16 G   B "C3'" 1 
ATOM   310 O "O3'" . G   B 1 6  ? -5.626  -6.298  -8.385  1.00 29.63 ? 16 G   B "O3'" 1 
ATOM   311 C "C2'" . G   B 1 6  ? -4.284  -4.236  -8.045  1.00 27.88 ? 16 G   B "C2'" 1 
ATOM   312 O "O2'" . G   B 1 6  ? -4.387  -4.001  -9.450  1.00 30.57 ? 16 G   B "O2'" 1 
ATOM   313 C "C1'" . G   B 1 6  ? -4.555  -2.930  -7.324  1.00 26.83 ? 16 G   B "C1'" 1 
ATOM   314 N N9    . G   B 1 6  ? -3.723  -2.759  -6.109  1.00 22.99 ? 16 G   B N9    1 
ATOM   315 C C8    . G   B 1 6  ? -4.081  -3.037  -4.827  1.00 20.39 ? 16 G   B C8    1 
ATOM   316 N N7    . G   B 1 6  ? -3.174  -2.748  -3.943  1.00 20.52 ? 16 G   B N7    1 
ATOM   317 C C5    . G   B 1 6  ? -2.123  -2.229  -4.693  1.00 18.72 ? 16 G   B C5    1 
ATOM   318 C C6    . G   B 1 6  ? -0.839  -1.801  -4.263  1.00 16.66 ? 16 G   B C6    1 
ATOM   319 O O6    . G   B 1 6  ? -0.394  -1.808  -3.119  1.00 14.36 ? 16 G   B O6    1 
ATOM   320 N N1    . G   B 1 6  ? -0.033  -1.422  -5.322  1.00 16.11 ? 16 G   B N1    1 
ATOM   321 C C2    . G   B 1 6  ? -0.411  -1.465  -6.649  1.00 17.48 ? 16 G   B C2    1 
ATOM   322 N N2    . G   B 1 6  ? 0.498   -1.130  -7.539  1.00 14.90 ? 16 G   B N2    1 
ATOM   323 N N3    . G   B 1 6  ? -1.623  -1.867  -7.066  1.00 18.80 ? 16 G   B N3    1 
ATOM   324 C C4    . G   B 1 6  ? -2.438  -2.233  -6.030  1.00 21.24 ? 16 G   B C4    1 
ATOM   325 P P     . DC  B 1 7  ? -4.790  -7.565  -7.855  1.00 31.60 ? 17 DC  B P     1 
ATOM   326 O OP1   . DC  B 1 7  ? -5.622  -8.310  -8.811  1.00 31.59 ? 17 DC  B OP1   1 
ATOM   327 O OP2   . DC  B 1 7  ? -4.574  -8.121  -6.499  1.00 31.42 ? 17 DC  B OP2   1 
ATOM   328 O "O5'" . DC  B 1 7  ? -3.301  -7.396  -8.488  1.00 31.77 ? 17 DC  B "O5'" 1 
ATOM   329 C "C5'" . DC  B 1 7  ? -3.045  -7.424  -9.891  1.00 28.29 ? 17 DC  B "C5'" 1 
ATOM   330 C "C4'" . DC  B 1 7  ? -1.636  -6.951  -10.237 1.00 27.25 ? 17 DC  B "C4'" 1 
ATOM   331 O "O4'" . DC  B 1 7  ? -1.375  -5.665  -9.642  1.00 28.41 ? 17 DC  B "O4'" 1 
ATOM   332 C "C3'" . DC  B 1 7  ? -0.532  -7.846  -9.739  1.00 27.46 ? 17 DC  B "C3'" 1 
ATOM   333 O "O3'" . DC  B 1 7  ? -0.300  -9.001  -10.538 1.00 29.20 ? 17 DC  B "O3'" 1 
ATOM   334 C "C2'" . DC  B 1 7  ? 0.614   -6.890  -9.834  1.00 27.21 ? 17 DC  B "C2'" 1 
ATOM   335 C "C1'" . DC  B 1 7  ? 0.019   -5.590  -9.269  1.00 27.48 ? 17 DC  B "C1'" 1 
ATOM   336 N N1    . DC  B 1 7  ? 0.185   -5.459  -7.781  1.00 24.86 ? 17 DC  B N1    1 
ATOM   337 C C2    . DC  B 1 7  ? 1.373   -4.936  -7.289  1.00 23.48 ? 17 DC  B C2    1 
ATOM   338 O O2    . DC  B 1 7  ? 2.342   -4.719  -8.025  1.00 26.12 ? 17 DC  B O2    1 
ATOM   339 N N3    . DC  B 1 7  ? 1.469   -4.710  -5.938  1.00 23.63 ? 17 DC  B N3    1 
ATOM   340 C C4    . DC  B 1 7  ? 0.455   -4.998  -5.101  1.00 21.02 ? 17 DC  B C4    1 
ATOM   341 N N4    . DC  B 1 7  ? 0.592   -4.741  -3.807  1.00 18.94 ? 17 DC  B N4    1 
ATOM   342 C C5    . DC  B 1 7  ? -0.768  -5.562  -5.586  1.00 22.37 ? 17 DC  B C5    1 
ATOM   343 C C6    . DC  B 1 7  ? -0.857  -5.770  -6.921  1.00 25.06 ? 17 DC  B C6    1 
ATOM   344 P P     . DC  B 1 8  ? 0.010   -10.396 -9.774  1.00 33.47 ? 18 DC  B P     1 
ATOM   345 O OP1   . DC  B 1 8  ? 0.023   -11.135 -11.056 1.00 37.36 ? 18 DC  B OP1   1 
ATOM   346 O OP2   . DC  B 1 8  ? -0.895  -10.821 -8.670  1.00 31.88 ? 18 DC  B OP2   1 
ATOM   347 O "O5'" . DC  B 1 8  ? 1.508   -10.267 -9.221  1.00 29.37 ? 18 DC  B "O5'" 1 
ATOM   348 C "C5'" . DC  B 1 8  ? 2.653   -10.178 -10.035 1.00 26.32 ? 18 DC  B "C5'" 1 
ATOM   349 C "C4'" . DC  B 1 8  ? 3.786   -9.704  -9.158  1.00 26.54 ? 18 DC  B "C4'" 1 
ATOM   350 O "O4'" . DC  B 1 8  ? 3.381   -8.499  -8.542  1.00 23.18 ? 18 DC  B "O4'" 1 
ATOM   351 C "C3'" . DC  B 1 8  ? 4.153   -10.619 -8.003  1.00 26.78 ? 18 DC  B "C3'" 1 
ATOM   352 O "O3'" . DC  B 1 8  ? 5.015   -11.693 -8.423  1.00 30.53 ? 18 DC  B "O3'" 1 
ATOM   353 C "C2'" . DC  B 1 8  ? 4.939   -9.635  -7.216  1.00 24.85 ? 18 DC  B "C2'" 1 
ATOM   354 C "C1'" . DC  B 1 8  ? 4.136   -8.371  -7.324  1.00 24.47 ? 18 DC  B "C1'" 1 
ATOM   355 N N1    . DC  B 1 8  ? 3.337   -8.192  -6.088  1.00 24.79 ? 18 DC  B N1    1 
ATOM   356 C C2    . DC  B 1 8  ? 3.987   -7.652  -4.988  1.00 22.75 ? 18 DC  B C2    1 
ATOM   357 O O2    . DC  B 1 8  ? 5.165   -7.315  -5.038  1.00 21.38 ? 18 DC  B O2    1 
ATOM   358 N N3    . DC  B 1 8  ? 3.305   -7.541  -3.826  1.00 19.15 ? 18 DC  B N3    1 
ATOM   359 C C4    . DC  B 1 8  ? 2.031   -7.951  -3.760  1.00 19.43 ? 18 DC  B C4    1 
ATOM   360 N N4    . DC  B 1 8  ? 1.410   -7.860  -2.593  1.00 23.17 ? 18 DC  B N4    1 
ATOM   361 C C5    . DC  B 1 8  ? 1.327   -8.498  -4.871  1.00 18.59 ? 18 DC  B C5    1 
ATOM   362 C C6    . DC  B 1 8  ? 2.023   -8.600  -6.015  1.00 23.88 ? 18 DC  B C6    1 
ATOM   363 P P     . DG  B 1 9  ? 5.266   -12.969 -7.458  1.00 31.72 ? 19 DG  B P     1 
ATOM   364 O OP1   . DG  B 1 9  ? 5.837   -13.974 -8.372  1.00 31.74 ? 19 DG  B OP1   1 
ATOM   365 O OP2   . DG  B 1 9  ? 4.019   -13.271 -6.733  1.00 29.60 ? 19 DG  B OP2   1 
ATOM   366 O "O5'" . DG  B 1 9  ? 6.336   -12.643 -6.305  1.00 28.59 ? 19 DG  B "O5'" 1 
ATOM   367 C "C5'" . DG  B 1 9  ? 7.674   -12.292 -6.549  1.00 22.52 ? 19 DG  B "C5'" 1 
ATOM   368 C "C4'" . DG  B 1 9  ? 8.235   -11.565 -5.340  1.00 21.67 ? 19 DG  B "C4'" 1 
ATOM   369 O "O4'" . DG  B 1 9  ? 7.433   -10.450 -4.978  1.00 21.15 ? 19 DG  B "O4'" 1 
ATOM   370 C "C3'" . DG  B 1 9  ? 8.357   -12.362 -4.088  1.00 22.31 ? 19 DG  B "C3'" 1 
ATOM   371 O "O3'" . DG  B 1 9  ? 9.465   -13.258 -4.204  1.00 25.51 ? 19 DG  B "O3'" 1 
ATOM   372 C "C2'" . DG  B 1 9  ? 8.647   -11.218 -3.181  1.00 18.99 ? 19 DG  B "C2'" 1 
ATOM   373 C "C1'" . DG  B 1 9  ? 7.583   -10.218 -3.570  1.00 20.28 ? 19 DG  B "C1'" 1 
ATOM   374 N N9    . DG  B 1 9  ? 6.281   -10.408 -2.854  1.00 17.41 ? 19 DG  B N9    1 
ATOM   375 C C8    . DG  B 1 9  ? 5.036   -10.788 -3.349  1.00 17.58 ? 19 DG  B C8    1 
ATOM   376 N N7    . DG  B 1 9  ? 4.055   -10.709 -2.482  1.00 18.27 ? 19 DG  B N7    1 
ATOM   377 C C5    . DG  B 1 9  ? 4.702   -10.240 -1.330  1.00 18.43 ? 19 DG  B C5    1 
ATOM   378 C C6    . DG  B 1 9  ? 4.166   -9.950  -0.062  1.00 19.81 ? 19 DG  B C6    1 
ATOM   379 O O6    . DG  B 1 9  ? 2.984   -9.953  0.281   1.00 20.70 ? 19 DG  B O6    1 
ATOM   380 N N1    . DG  B 1 9  ? 5.157   -9.549  0.827   1.00 19.91 ? 19 DG  B N1    1 
ATOM   381 C C2    . DG  B 1 9  ? 6.494   -9.436  0.544   1.00 18.69 ? 19 DG  B C2    1 
ATOM   382 N N2    . DG  B 1 9  ? 7.305   -9.128  1.556   1.00 18.75 ? 19 DG  B N2    1 
ATOM   383 N N3    . DG  B 1 9  ? 6.997   -9.685  -0.655  1.00 16.69 ? 19 DG  B N3    1 
ATOM   384 C C4    . DG  B 1 9  ? 6.050   -10.078 -1.538  1.00 17.62 ? 19 DG  B C4    1 
ATOM   385 P P     . DG  B 1 10 ? 9.593   -14.519 -3.216  1.00 27.48 ? 20 DG  B P     1 
ATOM   386 O OP1   . DG  B 1 10 ? 10.813  -15.126 -3.794  1.00 31.47 ? 20 DG  B OP1   1 
ATOM   387 O OP2   . DG  B 1 10 ? 8.369   -15.325 -3.003  1.00 28.16 ? 20 DG  B OP2   1 
ATOM   388 O "O5'" . DG  B 1 10 ? 9.988   -13.756 -1.824  1.00 28.08 ? 20 DG  B "O5'" 1 
ATOM   389 C "C5'" . DG  B 1 10 ? 11.257  -13.166 -1.490  1.00 23.62 ? 20 DG  B "C5'" 1 
ATOM   390 C "C4'" . DG  B 1 10 ? 11.386  -12.889 0.033   1.00 25.77 ? 20 DG  B "C4'" 1 
ATOM   391 O "O4'" . DG  B 1 10 ? 10.410  -11.915 0.442   1.00 26.07 ? 20 DG  B "O4'" 1 
ATOM   392 C "C3'" . DG  B 1 10 ? 11.195  -14.140 0.950   1.00 23.98 ? 20 DG  B "C3'" 1 
ATOM   393 O "O3'" . DG  B 1 10 ? 12.420  -14.886 1.191   1.00 22.77 ? 20 DG  B "O3'" 1 
ATOM   394 C "C2'" . DG  B 1 10 ? 10.763  -13.441 2.203   1.00 22.87 ? 20 DG  B "C2'" 1 
ATOM   395 C "C1'" . DG  B 1 10 ? 9.891   -12.290 1.730   1.00 23.69 ? 20 DG  B "C1'" 1 
ATOM   396 N N9    . DG  B 1 10 ? 8.414   -12.565 1.706   1.00 24.11 ? 20 DG  B N9    1 
ATOM   397 C C8    . DG  B 1 10 ? 7.638   -13.046 0.680   1.00 21.13 ? 20 DG  B C8    1 
ATOM   398 N N7    . DG  B 1 10 ? 6.354   -13.063 0.949   1.00 23.53 ? 20 DG  B N7    1 
ATOM   399 C C5    . DG  B 1 10 ? 6.270   -12.555 2.253   1.00 23.44 ? 20 DG  B C5    1 
ATOM   400 C C6    . DG  B 1 10 ? 5.138   -12.406 3.107   1.00 22.38 ? 20 DG  B C6    1 
ATOM   401 O O6    . DG  B 1 10 ? 3.944   -12.518 2.823   1.00 24.11 ? 20 DG  B O6    1 
ATOM   402 N N1    . DG  B 1 10 ? 5.498   -11.986 4.376   1.00 20.90 ? 20 DG  B N1    1 
ATOM   403 C C2    . DG  B 1 10 ? 6.783   -11.716 4.779   1.00 22.28 ? 20 DG  B C2    1 
ATOM   404 N N2    . DG  B 1 10 ? 6.965   -11.342 6.055   1.00 19.41 ? 20 DG  B N2    1 
ATOM   405 N N3    . DG  B 1 10 ? 7.842   -11.834 3.960   1.00 22.83 ? 20 DG  B N3    1 
ATOM   406 C C4    . DG  B 1 10 ? 7.519   -12.260 2.722   1.00 21.65 ? 20 DG  B C4    1 
HETATM 407 O O     . HOH C 2 .  ? 7.621   1.092   -1.546  1.00 36.51 ? 21 HOH A O     1 
HETATM 408 O O     . HOH C 2 .  ? -13.883 13.454  0.465   1.00 54.92 ? 22 HOH A O     1 
HETATM 409 O O     . HOH C 2 .  ? 3.553   -1.137  -9.525  1.00 32.62 ? 23 HOH A O     1 
HETATM 410 O O     . HOH C 2 .  ? -4.828  14.027  1.465   1.00 55.34 ? 24 HOH A O     1 
HETATM 411 O O     . HOH C 2 .  ? 3.033   7.186   -5.492  1.00 40.82 ? 26 HOH A O     1 
HETATM 412 O O     . HOH C 2 .  ? 5.260   -1.721  0.533   1.00 32.32 ? 27 HOH A O     1 
HETATM 413 O O     . HOH C 2 .  ? 2.747   3.748   -1.787  1.00 54.14 ? 30 HOH A O     1 
HETATM 414 O O     . HOH C 2 .  ? 9.463   -8.575  4.271   1.00 34.40 ? 31 HOH A O     1 
HETATM 415 O O     . HOH C 2 .  ? 0.693   9.126   -4.995  1.00 44.28 ? 33 HOH A O     1 
HETATM 416 O O     . HOH C 2 .  ? 4.847   -1.759  3.250   1.00 64.27 ? 35 HOH A O     1 
HETATM 417 O O     . HOH C 2 .  ? -11.917 16.787  4.576   1.00 53.77 ? 36 HOH A O     1 
HETATM 418 O O     . HOH C 2 .  ? 1.813   -3.494  -0.411  1.00 25.19 ? 37 HOH A O     1 
HETATM 419 O O     . HOH C 2 .  ? -0.204  -6.892  7.110   1.00 50.30 ? 38 HOH A O     1 
HETATM 420 O O     . HOH C 2 .  ? 14.249  0.522   -3.659  1.00 53.93 ? 39 HOH A O     1 
HETATM 421 O O     . HOH C 2 .  ? 2.845   -3.563  3.343   1.00 58.76 ? 41 HOH A O     1 
HETATM 422 O O     . HOH C 2 .  ? 5.781   3.792   -2.997  1.00 52.32 ? 44 HOH A O     1 
HETATM 423 O O     . HOH C 2 .  ? 2.292   6.844   -2.815  1.00 60.12 ? 47 HOH A O     1 
HETATM 424 O O     . HOH C 2 .  ? 0.381   9.074   -1.488  1.00 37.43 ? 48 HOH A O     1 
HETATM 425 O O     . HOH C 2 .  ? 3.035   -0.267  0.506   1.00 55.82 ? 49 HOH A O     1 
HETATM 426 O O     . HOH C 2 .  ? 7.032   -2.543  11.126  1.00 52.46 ? 50 HOH A O     1 
HETATM 427 O O     . HOH C 2 .  ? 4.545   -2.132  10.067  1.00 60.53 ? 51 HOH A O     1 
HETATM 428 O O     . HOH C 2 .  ? -6.681  15.662  -0.451  1.00 59.04 ? 55 HOH A O     1 
HETATM 429 O O     . HOH C 2 .  ? 9.149   -1.139  10.055  1.00 52.52 ? 58 HOH A O     1 
HETATM 430 O O     . HOH C 2 .  ? -9.855  8.551   4.903   1.00 68.98 ? 66 HOH A O     1 
HETATM 431 O O     . HOH C 2 .  ? -1.901  10.876  -3.719  1.00 71.88 ? 68 HOH A O     1 
HETATM 432 O O     . HOH C 2 .  ? -5.688  16.009  -4.231  1.00 86.24 ? 75 HOH A O     1 
HETATM 433 O O     . HOH C 2 .  ? 5.789   0.660   2.068   1.00 86.92 ? 76 HOH A O     1 
HETATM 434 O O     . HOH C 2 .  ? 13.843  1.703   -1.056  1.00 80.59 ? 78 HOH A O     1 
HETATM 435 O O     . HOH C 2 .  ? 1.672   -2.172  -11.357 1.00 82.59 ? 79 HOH A O     1 
HETATM 436 O O     . HOH C 2 .  ? -3.954  -10.846 8.510   1.00 95.76 ? 81 HOH A O     1 
HETATM 437 O O     . HOH D 2 .  ? 7.041   -17.069 -5.594  1.00 47.73 ? 25 HOH B O     1 
HETATM 438 O O     . HOH D 2 .  ? -0.653  4.652   4.908   1.00 35.34 ? 28 HOH B O     1 
HETATM 439 O O     . HOH D 2 .  ? -1.216  3.512   15.052  1.00 48.46 ? 29 HOH B O     1 
HETATM 440 O O     . HOH D 2 .  ? 0.729   4.126   7.910   1.00 47.65 ? 32 HOH B O     1 
HETATM 441 O O     . HOH D 2 .  ? -1.559  -9.455  -6.243  1.00 65.52 ? 34 HOH B O     1 
HETATM 442 O O     . HOH D 2 .  ? 1.975   -12.967 0.422   1.00 49.39 ? 40 HOH B O     1 
HETATM 443 O O     . HOH D 2 .  ? -9.137  -3.119  5.335   1.00 50.89 ? 42 HOH B O     1 
HETATM 444 O O     . HOH D 2 .  ? -3.902  -6.249  -4.753  1.00 54.60 ? 43 HOH B O     1 
HETATM 445 O O     . HOH D 2 .  ? -5.123  -1.274  2.963   1.00 45.88 ? 45 HOH B O     1 
HETATM 446 O O     . HOH D 2 .  ? 1.015   4.185   14.882  1.00 53.13 ? 46 HOH B O     1 
HETATM 447 O O     . HOH D 2 .  ? 0.267   -10.903 -0.112  1.00 56.09 ? 52 HOH B O     1 
HETATM 448 O O     . HOH D 2 .  ? 2.670   9.110   5.221   1.00 57.21 ? 53 HOH B O     1 
HETATM 449 O O     . HOH D 2 .  ? -12.122 -4.820  2.452   1.00 46.46 ? 54 HOH B O     1 
HETATM 450 O O     . HOH D 2 .  ? -0.197  -0.155  -10.411 1.00 57.90 ? 56 HOH B O     1 
HETATM 451 O O     . HOH D 2 .  ? 3.981   -13.871 -1.254  1.00 57.13 ? 57 HOH B O     1 
HETATM 452 O O     . HOH D 2 .  ? 4.287   14.186  8.046   1.00 58.69 ? 59 HOH B O     1 
HETATM 453 O O     . HOH D 2 .  ? -1.359  -9.099  -2.872  1.00 57.56 ? 60 HOH B O     1 
HETATM 454 O O     . HOH D 2 .  ? -2.953  1.620   5.806   1.00 67.99 ? 61 HOH B O     1 
HETATM 455 O O     . HOH D 2 .  ? -7.057  -9.077  -4.514  1.00 69.58 ? 62 HOH B O     1 
HETATM 456 O O     . HOH D 2 .  ? -3.719  1.629   14.034  1.00 69.09 ? 63 HOH B O     1 
HETATM 457 O O     . HOH D 2 .  ? 4.952   12.015  11.588  1.00 67.53 ? 64 HOH B O     1 
HETATM 458 O O     . HOH D 2 .  ? 4.877   16.139  10.030  1.00 62.02 ? 65 HOH B O     1 
HETATM 459 O O     . HOH D 2 .  ? -2.838  0.402   3.273   1.00 79.58 ? 67 HOH B O     1 
HETATM 460 O O     . HOH D 2 .  ? -2.439  -1.644  -9.980  1.00 74.99 ? 69 HOH B O     1 
HETATM 461 O O     . HOH D 2 .  ? -1.210  2.698   2.810   1.00 75.14 ? 70 HOH B O     1 
HETATM 462 O O     . HOH D 2 .  ? -11.501 -1.177  -5.232  1.00 74.53 ? 71 HOH B O     1 
HETATM 463 O O     . HOH D 2 .  ? 0.554   8.130   2.406   1.00 78.26 ? 72 HOH B O     1 
HETATM 464 O O     . HOH D 2 .  ? -1.653  -6.389  -2.405  1.00 81.40 ? 73 HOH B O     1 
HETATM 465 O O     . HOH D 2 .  ? 0.447   -11.563 -5.427  1.00 88.82 ? 74 HOH B O     1 
HETATM 466 O O     . HOH D 2 .  ? -0.517  0.000   0.143   1.00 90.68 ? 77 HOH B O     1 
HETATM 467 O O     . HOH D 2 .  ? -0.180  1.849   12.675  1.00 94.60 ? 80 HOH B O     1 
# 
